data_2IDJ
#
_entry.id   2IDJ
#
_cell.length_a   57.869
_cell.length_b   85.223
_cell.length_c   131.861
_cell.angle_alpha   90.00
_cell.angle_beta   91.40
_cell.angle_gamma   90.00
#
_symmetry.space_group_name_H-M   'P 1 21 1'
#
loop_
_entity.id
_entity.type
_entity.pdbx_description
1 polymer 'Glycine N-methyltransferase'
2 non-polymer 'CALCIUM ION'
3 water water
#
_entity_poly.entity_id   1
_entity_poly.type   'polypeptide(L)'
_entity_poly.pdbx_seq_one_letter_code
;VDSVYRTRSLGVAAEGIPDQYADGEAARVWQLYIGDTRSRTAEYKAWLLGLLRQHGCHRVLDVACGTGVDSIMLVEEGFS
VTSVDASDKMLKYALKERWNRRKEPAFDKWVIEEANWLTLDKDVPAGDGFDAVICLGNSFAHLPDSKGDQSEHRLALKNI
ASMVRPGGLLVIDHRNYDYILSTGCAPPGKNIYYKSDLTKDITTSVLTVNNKAHMVTLDYTVQVPGAGRDGAPGFSKFRL
SYYPHCLASFTELVQEAFGGRCQHSVLGDFKPYRPGQAYVPCYFIHVLKKTG
;
_entity_poly.pdbx_strand_id   A,B,C,D
#
# COMPACT_ATOMS: atom_id res chain seq x y z
N ASP A 2 -11.09 -9.22 -1.64
CA ASP A 2 -9.98 -8.87 -2.57
C ASP A 2 -9.16 -7.71 -2.02
N SER A 3 -9.02 -7.66 -0.69
CA SER A 3 -8.24 -6.60 -0.04
C SER A 3 -6.91 -7.16 0.44
N VAL A 4 -6.29 -6.47 1.39
CA VAL A 4 -5.02 -6.91 1.95
C VAL A 4 -5.11 -7.06 3.47
N TYR A 5 -4.82 -8.26 3.95
CA TYR A 5 -4.85 -8.54 5.38
C TYR A 5 -3.49 -8.20 5.99
N ARG A 6 -3.50 -7.48 7.11
CA ARG A 6 -2.26 -7.12 7.78
C ARG A 6 -1.97 -8.06 8.95
N THR A 7 -0.70 -8.20 9.31
CA THR A 7 -0.27 -9.03 10.42
C THR A 7 -0.68 -8.34 11.73
N ARG A 8 -0.43 -7.04 11.82
CA ARG A 8 -0.80 -6.31 13.01
C ARG A 8 -1.28 -4.91 12.67
N SER A 9 -2.25 -4.44 13.44
CA SER A 9 -2.81 -3.11 13.24
C SER A 9 -1.72 -2.05 13.20
N LEU A 10 -1.91 -1.03 12.37
CA LEU A 10 -0.98 0.08 12.28
C LEU A 10 -0.89 0.76 13.65
N GLY A 11 0.31 1.20 14.02
CA GLY A 11 0.51 1.87 15.29
C GLY A 11 0.52 0.99 16.55
N VAL A 12 0.43 -0.33 16.37
CA VAL A 12 0.43 -1.23 17.51
C VAL A 12 1.81 -1.86 17.69
N ALA A 13 2.31 -1.86 18.90
CA ALA A 13 3.62 -2.44 19.18
C ALA A 13 3.47 -3.77 19.89
N ALA A 14 4.57 -4.52 19.93
CA ALA A 14 4.60 -5.83 20.57
C ALA A 14 5.99 -6.01 21.16
N GLU A 15 6.06 -6.54 22.38
CA GLU A 15 7.34 -6.79 23.05
C GLU A 15 8.18 -7.74 22.21
N GLY A 16 9.49 -7.49 22.16
CA GLY A 16 10.37 -8.37 21.42
C GLY A 16 10.63 -8.06 19.96
N ILE A 17 9.80 -7.23 19.35
CA ILE A 17 10.02 -6.90 17.94
C ILE A 17 10.07 -5.39 17.72
N PRO A 18 10.89 -4.94 16.77
CA PRO A 18 10.97 -3.50 16.52
C PRO A 18 9.64 -2.95 16.04
N ASP A 19 9.37 -1.69 16.32
CA ASP A 19 8.12 -1.10 15.88
C ASP A 19 8.13 -1.04 14.34
N GLN A 20 6.98 -0.88 13.73
CA GLN A 20 6.88 -0.85 12.28
C GLN A 20 7.67 0.26 11.60
N TYR A 21 8.49 -0.14 10.64
CA TYR A 21 9.31 0.76 9.83
C TYR A 21 10.49 1.41 10.55
N ALA A 22 10.70 1.06 11.81
CA ALA A 22 11.78 1.65 12.59
C ALA A 22 13.18 1.27 12.07
N ASP A 23 13.29 0.11 11.41
CA ASP A 23 14.57 -0.34 10.90
C ASP A 23 14.67 -0.25 9.37
N GLY A 24 13.76 0.52 8.76
CA GLY A 24 13.76 0.69 7.31
C GLY A 24 14.97 1.45 6.82
N GLU A 25 15.24 1.36 5.51
CA GLU A 25 16.38 2.03 4.91
C GLU A 25 16.35 3.55 5.07
N ALA A 26 15.18 4.15 4.82
CA ALA A 26 15.03 5.60 4.95
C ALA A 26 15.21 6.02 6.40
N ALA A 27 14.61 5.26 7.31
CA ALA A 27 14.73 5.58 8.72
C ALA A 27 16.20 5.66 9.15
N ARG A 28 17.03 4.74 8.65
CA ARG A 28 18.45 4.69 9.01
C ARG A 28 19.16 5.98 8.61
N VAL A 29 19.01 6.35 7.35
CA VAL A 29 19.62 7.56 6.81
C VAL A 29 19.13 8.76 7.58
N TRP A 30 17.84 8.79 7.87
CA TRP A 30 17.26 9.90 8.62
C TRP A 30 17.87 9.98 10.01
N GLN A 31 18.24 8.82 10.54
CA GLN A 31 18.85 8.74 11.86
C GLN A 31 20.14 9.53 11.83
N LEU A 32 20.97 9.27 10.82
CA LEU A 32 22.24 9.98 10.68
C LEU A 32 22.01 11.48 10.56
N TYR A 33 20.96 11.87 9.84
CA TYR A 33 20.63 13.28 9.66
C TYR A 33 20.37 13.97 11.00
N ILE A 34 19.41 13.46 11.79
CA ILE A 34 19.10 14.09 13.07
C ILE A 34 20.27 13.97 14.03
N GLY A 35 21.12 12.98 13.81
CA GLY A 35 22.27 12.78 14.67
C GLY A 35 23.46 13.66 14.31
N ASP A 36 23.65 13.92 13.02
CA ASP A 36 24.75 14.74 12.56
C ASP A 36 24.30 16.19 12.40
N THR A 37 23.47 16.65 13.34
CA THR A 37 22.96 18.01 13.30
C THR A 37 22.78 18.52 14.72
N ARG A 38 23.01 17.64 15.69
CA ARG A 38 22.89 18.00 17.10
C ARG A 38 23.94 19.06 17.42
N SER A 39 24.93 19.18 16.55
CA SER A 39 26.01 20.15 16.73
C SER A 39 25.67 21.48 16.08
N ARG A 40 25.17 22.42 16.88
CA ARG A 40 24.79 23.73 16.40
C ARG A 40 26.02 24.59 16.10
N THR A 41 25.76 25.74 15.50
CA THR A 41 26.81 26.69 15.14
C THR A 41 27.03 27.70 16.27
N ALA A 42 28.29 28.11 16.44
CA ALA A 42 28.65 29.06 17.47
C ALA A 42 27.84 30.35 17.33
N GLU A 43 27.69 30.83 16.10
CA GLU A 43 26.95 32.06 15.83
C GLU A 43 25.51 31.93 16.30
N TYR A 44 24.89 30.80 15.99
CA TYR A 44 23.51 30.54 16.38
C TYR A 44 23.42 30.56 17.90
N LYS A 45 24.24 29.74 18.54
CA LYS A 45 24.25 29.65 20.00
C LYS A 45 24.47 31.03 20.60
N ALA A 46 25.38 31.79 19.99
CA ALA A 46 25.68 33.14 20.44
C ALA A 46 24.45 34.04 20.31
N TRP A 47 23.84 34.03 19.13
CA TRP A 47 22.65 34.84 18.89
C TRP A 47 21.53 34.52 19.90
N LEU A 48 21.24 33.23 20.03
CA LEU A 48 20.17 32.77 20.92
C LEU A 48 20.37 33.12 22.37
N LEU A 49 21.54 32.79 22.92
CA LEU A 49 21.80 33.08 24.33
C LEU A 49 21.63 34.57 24.65
N GLY A 50 22.26 35.43 23.84
CA GLY A 50 22.17 36.86 24.05
C GLY A 50 20.74 37.37 23.92
N LEU A 51 20.08 36.94 22.85
CA LEU A 51 18.70 37.36 22.60
C LEU A 51 17.82 37.21 23.84
N LEU A 52 17.79 36.01 24.43
CA LEU A 52 16.97 35.76 25.62
C LEU A 52 17.41 36.54 26.86
N ARG A 53 18.70 36.86 26.95
CA ARG A 53 19.22 37.61 28.09
C ARG A 53 18.62 39.01 28.14
N GLN A 54 18.80 39.75 27.04
CA GLN A 54 18.32 41.13 26.93
C GLN A 54 16.81 41.31 27.08
N HIS A 55 16.11 40.26 27.49
CA HIS A 55 14.67 40.35 27.65
C HIS A 55 14.24 39.91 29.05
N GLY A 56 15.20 39.41 29.82
CA GLY A 56 14.91 38.95 31.17
C GLY A 56 14.08 37.68 31.15
N CYS A 57 14.59 36.67 30.45
CA CYS A 57 13.90 35.40 30.32
C CYS A 57 14.63 34.27 31.02
N HIS A 58 13.93 33.58 31.93
CA HIS A 58 14.51 32.45 32.62
C HIS A 58 13.70 31.18 32.38
N ARG A 59 12.37 31.31 32.39
CA ARG A 59 11.48 30.17 32.13
C ARG A 59 11.25 30.05 30.62
N VAL A 60 11.91 29.10 30.00
CA VAL A 60 11.76 28.92 28.56
C VAL A 60 10.92 27.67 28.22
N LEU A 61 10.09 27.80 27.18
CA LEU A 61 9.30 26.67 26.70
C LEU A 61 9.67 26.41 25.25
N ASP A 62 10.23 25.23 24.99
CA ASP A 62 10.59 24.87 23.62
C ASP A 62 9.44 24.01 23.09
N VAL A 63 8.62 24.56 22.19
CA VAL A 63 7.48 23.80 21.65
C VAL A 63 7.78 22.94 20.44
N ALA A 64 9.04 22.84 20.06
CA ALA A 64 9.46 22.02 18.93
C ALA A 64 10.74 21.32 19.41
N CYS A 65 10.66 20.82 20.63
CA CYS A 65 11.75 20.15 21.30
C CYS A 65 12.69 19.34 20.43
N GLY A 66 12.12 18.42 19.67
CA GLY A 66 12.96 17.58 18.84
C GLY A 66 13.85 16.79 19.78
N THR A 67 15.09 16.53 19.35
CA THR A 67 16.04 15.78 20.14
C THR A 67 16.59 16.60 21.31
N GLY A 68 16.00 17.78 21.51
CA GLY A 68 16.39 18.65 22.60
C GLY A 68 17.75 19.34 22.54
N VAL A 69 18.38 19.36 21.37
CA VAL A 69 19.69 20.01 21.25
C VAL A 69 19.63 21.46 21.71
N ASP A 70 18.60 22.20 21.29
CA ASP A 70 18.47 23.59 21.70
C ASP A 70 18.18 23.65 23.20
N SER A 71 17.19 22.87 23.63
CA SER A 71 16.82 22.84 25.03
C SER A 71 17.98 22.47 25.95
N ILE A 72 18.82 21.53 25.52
CA ILE A 72 19.96 21.09 26.32
C ILE A 72 20.88 22.26 26.60
N MET A 73 21.10 23.08 25.57
CA MET A 73 21.97 24.25 25.71
C MET A 73 21.45 25.19 26.78
N LEU A 74 20.14 25.46 26.73
CA LEU A 74 19.52 26.36 27.70
C LEU A 74 19.60 25.84 29.13
N VAL A 75 19.55 24.51 29.27
CA VAL A 75 19.63 23.92 30.59
C VAL A 75 21.04 24.16 31.13
N GLU A 76 22.04 23.92 30.29
CA GLU A 76 23.43 24.11 30.67
C GLU A 76 23.70 25.58 31.01
N GLU A 77 22.93 26.48 30.43
CA GLU A 77 23.08 27.92 30.67
C GLU A 77 22.18 28.44 31.79
N GLY A 78 21.82 27.55 32.72
CA GLY A 78 21.01 27.97 33.85
C GLY A 78 19.58 28.44 33.63
N PHE A 79 19.02 28.18 32.46
CA PHE A 79 17.64 28.59 32.21
C PHE A 79 16.70 27.55 32.82
N SER A 80 15.44 27.94 33.07
CA SER A 80 14.41 27.03 33.59
C SER A 80 13.63 26.50 32.37
N VAL A 81 14.13 25.41 31.79
CA VAL A 81 13.55 24.82 30.59
C VAL A 81 12.43 23.78 30.67
N THR A 82 11.42 23.97 29.82
CA THR A 82 10.28 23.04 29.71
C THR A 82 10.18 22.67 28.21
N SER A 83 10.67 21.48 27.87
CA SER A 83 10.68 21.01 26.48
C SER A 83 9.48 20.14 26.10
N VAL A 84 8.88 20.46 24.96
CA VAL A 84 7.73 19.72 24.46
C VAL A 84 7.78 19.42 22.95
N ASP A 85 7.12 18.33 22.57
CA ASP A 85 7.06 17.92 21.18
C ASP A 85 5.94 16.91 21.01
N ALA A 86 5.45 16.78 19.79
CA ALA A 86 4.38 15.85 19.45
C ALA A 86 4.93 14.48 19.03
N SER A 87 6.20 14.46 18.66
CA SER A 87 6.89 13.26 18.21
C SER A 87 7.62 12.52 19.31
N ASP A 88 7.08 11.38 19.72
CA ASP A 88 7.70 10.57 20.75
C ASP A 88 9.03 10.02 20.27
N LYS A 89 9.11 9.75 18.97
CA LYS A 89 10.34 9.22 18.41
C LYS A 89 11.46 10.25 18.60
N MET A 90 11.10 11.53 18.47
CA MET A 90 12.03 12.64 18.63
C MET A 90 12.45 12.74 20.10
N LEU A 91 11.45 12.90 20.97
CA LEU A 91 11.62 13.01 22.41
C LEU A 91 12.50 11.94 23.03
N LYS A 92 12.44 10.73 22.48
CA LYS A 92 13.26 9.63 22.99
C LYS A 92 14.70 10.05 23.20
N TYR A 93 15.25 10.81 22.26
CA TYR A 93 16.64 11.24 22.36
C TYR A 93 16.84 12.29 23.46
N ALA A 94 15.95 13.25 23.55
CA ALA A 94 16.03 14.27 24.58
C ALA A 94 15.95 13.58 25.96
N LEU A 95 14.99 12.67 26.12
CA LEU A 95 14.83 11.99 27.40
C LEU A 95 16.03 11.12 27.76
N LYS A 96 16.70 10.55 26.76
CA LYS A 96 17.86 9.71 27.02
C LYS A 96 19.02 10.57 27.50
N GLU A 97 19.10 11.78 26.96
CA GLU A 97 20.16 12.71 27.34
C GLU A 97 19.93 13.17 28.77
N ARG A 98 18.69 13.51 29.10
CA ARG A 98 18.38 13.96 30.44
C ARG A 98 18.71 12.91 31.49
N TRP A 99 18.43 11.66 31.18
CA TRP A 99 18.71 10.61 32.13
C TRP A 99 20.20 10.41 32.34
N ASN A 100 21.00 10.57 31.29
CA ASN A 100 22.44 10.39 31.40
C ASN A 100 23.08 11.48 32.25
N ARG A 101 22.56 12.69 32.15
CA ARG A 101 23.08 13.83 32.89
C ARG A 101 22.19 14.17 34.08
N ARG A 102 21.42 13.17 34.53
CA ARG A 102 20.51 13.32 35.65
C ARG A 102 21.20 13.68 36.98
N LYS A 103 22.50 13.42 37.08
CA LYS A 103 23.23 13.76 38.30
C LYS A 103 23.46 15.27 38.41
N GLU A 104 23.52 15.95 37.27
CA GLU A 104 23.70 17.40 37.26
C GLU A 104 22.36 18.03 37.64
N PRO A 105 22.31 18.72 38.79
CA PRO A 105 21.08 19.37 39.28
C PRO A 105 20.27 20.10 38.22
N ALA A 106 20.95 20.65 37.22
CA ALA A 106 20.28 21.39 36.15
C ALA A 106 19.34 20.47 35.36
N PHE A 107 19.87 19.34 34.89
CA PHE A 107 19.10 18.41 34.11
C PHE A 107 17.95 17.78 34.91
N ASP A 108 18.17 17.50 36.19
CA ASP A 108 17.12 16.91 37.01
C ASP A 108 15.88 17.79 37.02
N LYS A 109 16.06 19.09 36.79
CA LYS A 109 14.95 20.02 36.80
C LYS A 109 14.37 20.27 35.41
N TRP A 110 15.03 19.73 34.39
CA TRP A 110 14.56 19.89 33.01
C TRP A 110 13.26 19.08 32.84
N VAL A 111 12.21 19.75 32.40
CA VAL A 111 10.94 19.09 32.16
C VAL A 111 10.72 18.79 30.67
N ILE A 112 10.52 17.51 30.34
CA ILE A 112 10.28 17.08 28.97
C ILE A 112 8.93 16.35 28.88
N GLU A 113 8.02 16.86 28.05
CA GLU A 113 6.70 16.26 27.91
C GLU A 113 6.21 16.22 26.46
N GLU A 114 5.28 15.32 26.18
CA GLU A 114 4.72 15.21 24.85
C GLU A 114 3.48 16.10 24.77
N ALA A 115 3.41 16.93 23.72
CA ALA A 115 2.27 17.81 23.50
C ALA A 115 2.15 18.13 22.01
N ASN A 116 0.93 18.48 21.60
CA ASN A 116 0.64 18.79 20.21
C ASN A 116 0.18 20.25 20.14
N TRP A 117 0.66 20.98 19.15
CA TRP A 117 0.27 22.39 19.01
C TRP A 117 -1.24 22.58 18.90
N LEU A 118 -1.93 21.63 18.26
CA LEU A 118 -3.37 21.74 18.06
C LEU A 118 -4.21 21.49 19.32
N THR A 119 -3.54 21.12 20.40
CA THR A 119 -4.20 20.86 21.67
C THR A 119 -3.26 21.27 22.80
N LEU A 120 -2.31 22.16 22.47
CA LEU A 120 -1.31 22.66 23.39
C LEU A 120 -1.90 23.24 24.67
N ASP A 121 -3.15 23.67 24.59
CA ASP A 121 -3.83 24.27 25.73
C ASP A 121 -4.14 23.25 26.84
N LYS A 122 -4.73 22.11 26.47
CA LYS A 122 -5.06 21.09 27.45
C LYS A 122 -3.86 20.20 27.76
N ASP A 123 -3.02 19.96 26.75
CA ASP A 123 -1.84 19.11 26.91
C ASP A 123 -0.81 19.68 27.88
N VAL A 124 -0.68 21.01 27.93
CA VAL A 124 0.28 21.64 28.82
C VAL A 124 -0.32 22.72 29.72
N PRO A 125 -0.38 22.44 31.03
CA PRO A 125 -0.93 23.42 31.99
C PRO A 125 0.17 24.43 32.32
N ALA A 126 0.03 25.67 31.82
CA ALA A 126 1.03 26.70 32.08
C ALA A 126 0.53 27.82 33.00
N GLY A 127 -0.74 28.16 32.89
CA GLY A 127 -1.29 29.21 33.74
C GLY A 127 -0.84 30.60 33.33
N ASP A 128 0.15 31.14 34.05
CA ASP A 128 0.67 32.47 33.80
C ASP A 128 1.30 32.61 32.41
N GLY A 129 2.34 31.81 32.15
CA GLY A 129 3.02 31.85 30.87
C GLY A 129 4.51 31.76 31.06
N PHE A 130 5.26 31.65 29.98
CA PHE A 130 6.70 31.55 30.06
C PHE A 130 7.35 32.87 29.65
N ASP A 131 8.58 33.10 30.10
CA ASP A 131 9.28 34.34 29.75
C ASP A 131 9.62 34.31 28.27
N ALA A 132 9.64 33.10 27.71
CA ALA A 132 9.98 32.90 26.30
C ALA A 132 9.51 31.55 25.79
N VAL A 133 8.96 31.55 24.59
CA VAL A 133 8.48 30.35 23.91
C VAL A 133 9.26 30.30 22.60
N ILE A 134 10.06 29.25 22.42
CA ILE A 134 10.87 29.11 21.22
C ILE A 134 10.47 27.95 20.30
N CYS A 135 10.47 28.25 19.00
CA CYS A 135 10.12 27.30 17.95
C CYS A 135 11.06 27.56 16.77
N LEU A 136 12.24 26.97 16.84
CA LEU A 136 13.26 27.17 15.81
C LEU A 136 13.51 25.93 14.97
N GLY A 137 14.51 26.01 14.10
CA GLY A 137 14.86 24.89 13.24
C GLY A 137 13.89 24.70 12.08
N ASN A 138 13.03 25.67 11.85
CA ASN A 138 12.04 25.62 10.76
C ASN A 138 11.13 24.42 10.98
N SER A 139 10.61 24.30 12.20
CA SER A 139 9.75 23.19 12.55
C SER A 139 8.27 23.46 12.33
N PHE A 140 7.83 24.70 12.44
CA PHE A 140 6.42 24.99 12.26
C PHE A 140 5.94 24.60 10.87
N ALA A 141 6.81 24.80 9.88
CA ALA A 141 6.48 24.47 8.50
C ALA A 141 6.14 22.99 8.28
N HIS A 142 6.37 22.16 9.29
CA HIS A 142 6.09 20.72 9.21
C HIS A 142 4.59 20.46 9.25
N LEU A 143 3.84 21.40 9.85
CA LEU A 143 2.40 21.28 9.96
C LEU A 143 1.77 21.60 8.61
N PRO A 144 1.19 20.59 7.94
CA PRO A 144 0.56 20.80 6.64
C PRO A 144 -0.81 21.45 6.73
N ASP A 145 -1.38 21.76 5.58
CA ASP A 145 -2.70 22.36 5.54
C ASP A 145 -3.70 21.36 4.98
N SER A 146 -4.41 20.68 5.89
CA SER A 146 -5.39 19.67 5.51
C SER A 146 -6.65 20.25 4.85
N LYS A 147 -7.38 21.09 5.57
CA LYS A 147 -8.62 21.68 5.06
C LYS A 147 -8.41 22.66 3.91
N GLY A 148 -7.19 23.20 3.79
CA GLY A 148 -6.91 24.12 2.71
C GLY A 148 -7.19 25.59 3.03
N ASP A 149 -7.64 25.87 4.24
CA ASP A 149 -7.92 27.24 4.65
C ASP A 149 -6.94 27.72 5.73
N GLN A 150 -5.93 26.91 6.00
CA GLN A 150 -4.90 27.21 7.00
C GLN A 150 -5.47 27.36 8.41
N SER A 151 -6.62 26.74 8.65
CA SER A 151 -7.27 26.80 9.94
C SER A 151 -6.39 26.16 11.03
N GLU A 152 -5.69 25.09 10.66
CA GLU A 152 -4.82 24.39 11.60
C GLU A 152 -3.60 25.25 11.93
N HIS A 153 -3.16 26.02 10.94
CA HIS A 153 -2.01 26.90 11.14
C HIS A 153 -2.38 27.98 12.14
N ARG A 154 -3.60 28.49 12.02
CA ARG A 154 -4.09 29.53 12.92
C ARG A 154 -4.19 29.01 14.36
N LEU A 155 -4.76 27.82 14.50
CA LEU A 155 -4.93 27.22 15.83
C LEU A 155 -3.58 26.92 16.47
N ALA A 156 -2.64 26.44 15.66
CA ALA A 156 -1.31 26.12 16.15
C ALA A 156 -0.61 27.36 16.72
N LEU A 157 -0.55 28.42 15.93
CA LEU A 157 0.09 29.65 16.36
C LEU A 157 -0.67 30.28 17.53
N LYS A 158 -1.99 30.16 17.49
CA LYS A 158 -2.81 30.71 18.56
C LYS A 158 -2.39 30.12 19.89
N ASN A 159 -2.41 28.79 19.97
CA ASN A 159 -2.03 28.10 21.21
C ASN A 159 -0.58 28.36 21.60
N ILE A 160 0.32 28.39 20.63
CA ILE A 160 1.72 28.64 20.91
C ILE A 160 1.90 30.04 21.50
N ALA A 161 1.05 30.96 21.10
CA ALA A 161 1.12 32.34 21.58
C ALA A 161 0.61 32.46 23.01
N SER A 162 -0.54 31.85 23.28
CA SER A 162 -1.14 31.88 24.62
C SER A 162 -0.17 31.35 25.67
N MET A 163 0.86 30.65 25.22
CA MET A 163 1.84 30.09 26.14
C MET A 163 2.83 31.16 26.61
N VAL A 164 2.90 32.26 25.86
CA VAL A 164 3.79 33.36 26.21
C VAL A 164 3.13 34.28 27.22
N ARG A 165 3.75 34.44 28.38
CA ARG A 165 3.21 35.31 29.44
C ARG A 165 3.17 36.76 28.99
N PRO A 166 2.17 37.53 29.46
CA PRO A 166 2.08 38.94 29.07
C PRO A 166 3.45 39.62 29.23
N GLY A 167 3.93 40.25 28.18
CA GLY A 167 5.23 40.90 28.23
C GLY A 167 6.32 39.89 27.92
N GLY A 168 5.90 38.72 27.43
CA GLY A 168 6.84 37.66 27.09
C GLY A 168 7.30 37.66 25.64
N LEU A 169 8.35 36.88 25.37
CA LEU A 169 8.94 36.78 24.04
C LEU A 169 8.62 35.47 23.32
N LEU A 170 8.43 35.55 22.01
CA LEU A 170 8.14 34.40 21.16
C LEU A 170 9.10 34.41 19.96
N VAL A 171 9.93 33.38 19.86
CA VAL A 171 10.90 33.31 18.76
C VAL A 171 10.59 32.12 17.84
N ILE A 172 9.91 32.39 16.73
CA ILE A 172 9.51 31.37 15.76
C ILE A 172 10.11 31.68 14.40
N ASP A 173 10.66 30.68 13.72
CA ASP A 173 11.25 30.91 12.41
C ASP A 173 10.69 29.99 11.32
N HIS A 174 11.27 30.09 10.12
CA HIS A 174 10.90 29.29 8.95
C HIS A 174 11.89 29.59 7.82
N ARG A 175 12.11 28.64 6.94
CA ARG A 175 13.05 28.89 5.86
C ARG A 175 12.51 29.99 4.97
N ASN A 176 13.33 30.42 4.02
CA ASN A 176 12.95 31.47 3.08
C ASN A 176 12.31 30.76 1.89
N TYR A 177 11.00 30.54 1.97
CA TYR A 177 10.26 29.87 0.92
C TYR A 177 9.90 30.79 -0.24
N ASP A 178 9.88 32.10 0.01
CA ASP A 178 9.59 33.04 -1.07
C ASP A 178 10.65 32.83 -2.13
N TYR A 179 11.88 32.63 -1.67
CA TYR A 179 13.01 32.42 -2.55
C TYR A 179 13.06 30.99 -3.07
N ILE A 180 12.54 30.06 -2.30
CA ILE A 180 12.53 28.67 -2.75
C ILE A 180 11.49 28.52 -3.84
N LEU A 181 10.32 29.12 -3.63
CA LEU A 181 9.27 29.03 -4.63
C LEU A 181 9.73 29.68 -5.94
N SER A 182 10.49 30.77 -5.81
CA SER A 182 10.98 31.49 -6.98
C SER A 182 12.04 30.73 -7.75
N THR A 183 12.99 30.11 -7.05
CA THR A 183 14.06 29.38 -7.71
C THR A 183 13.80 27.87 -7.79
N GLY A 184 12.75 27.43 -7.11
CA GLY A 184 12.41 26.01 -7.14
C GLY A 184 13.48 25.12 -6.55
N CYS A 185 14.49 25.73 -5.92
CA CYS A 185 15.59 24.97 -5.32
C CYS A 185 15.87 25.41 -3.89
N ALA A 186 16.49 24.52 -3.12
CA ALA A 186 16.84 24.81 -1.75
C ALA A 186 18.14 25.60 -1.76
N PRO A 187 18.17 26.76 -1.08
CA PRO A 187 19.37 27.60 -1.02
C PRO A 187 20.66 26.79 -0.87
N PRO A 188 21.81 27.40 -1.21
CA PRO A 188 23.12 26.75 -1.11
C PRO A 188 23.35 26.03 0.23
N GLY A 189 24.41 25.23 0.30
CA GLY A 189 24.70 24.49 1.52
C GLY A 189 25.42 25.32 2.57
N LYS A 190 25.14 26.61 2.62
CA LYS A 190 25.77 27.50 3.60
C LYS A 190 25.54 27.03 5.03
N ASN A 191 26.62 26.92 5.80
CA ASN A 191 26.55 26.47 7.19
C ASN A 191 26.11 27.60 8.11
N ILE A 192 24.80 27.69 8.33
CA ILE A 192 24.26 28.73 9.20
C ILE A 192 23.76 28.22 10.56
N TYR A 193 22.87 27.23 10.53
CA TYR A 193 22.34 26.67 11.77
C TYR A 193 23.21 25.55 12.35
N TYR A 194 23.98 24.89 11.51
CA TYR A 194 24.84 23.79 11.95
C TYR A 194 25.92 23.42 10.95
N LYS A 195 26.94 22.73 11.44
CA LYS A 195 28.05 22.30 10.59
C LYS A 195 27.93 20.81 10.26
N SER A 196 26.94 20.48 9.43
CA SER A 196 26.70 19.10 9.05
C SER A 196 27.28 18.74 7.68
N LYS A 200 25.41 17.86 0.56
CA LYS A 200 24.42 16.75 0.44
C LYS A 200 23.63 16.88 -0.85
N ASP A 201 23.04 15.78 -1.30
CA ASP A 201 22.26 15.77 -2.53
C ASP A 201 20.79 15.96 -2.20
N ILE A 202 20.33 17.21 -2.23
CA ILE A 202 18.94 17.53 -1.92
C ILE A 202 18.12 17.91 -3.14
N THR A 203 17.15 17.06 -3.48
CA THR A 203 16.27 17.33 -4.59
C THR A 203 15.10 18.12 -4.01
N THR A 204 14.71 19.19 -4.68
CA THR A 204 13.61 20.02 -4.19
C THR A 204 12.37 19.88 -5.08
N SER A 205 11.22 19.66 -4.46
CA SER A 205 9.98 19.53 -5.20
C SER A 205 8.93 20.49 -4.69
N VAL A 206 8.40 21.31 -5.59
CA VAL A 206 7.36 22.26 -5.25
C VAL A 206 6.07 21.82 -5.89
N LEU A 207 5.03 21.71 -5.07
CA LEU A 207 3.73 21.30 -5.56
C LEU A 207 2.77 22.47 -5.45
N THR A 208 2.25 22.90 -6.59
CA THR A 208 1.32 24.02 -6.63
C THR A 208 -0.06 23.51 -7.06
N VAL A 209 -1.10 23.94 -6.34
CA VAL A 209 -2.47 23.55 -6.62
C VAL A 209 -3.30 24.80 -6.95
N ASN A 210 -3.51 25.02 -8.24
CA ASN A 210 -4.25 26.18 -8.75
C ASN A 210 -3.39 27.43 -8.60
N ASN A 211 -2.12 27.27 -8.92
CA ASN A 211 -1.10 28.31 -8.87
C ASN A 211 -0.73 28.77 -7.46
N LYS A 212 -1.33 28.14 -6.44
CA LYS A 212 -1.00 28.49 -5.06
C LYS A 212 -0.06 27.45 -4.47
N ALA A 213 1.10 27.88 -3.98
CA ALA A 213 2.06 26.94 -3.37
C ALA A 213 1.28 26.11 -2.36
N HIS A 214 1.57 24.81 -2.31
CA HIS A 214 0.85 23.97 -1.40
C HIS A 214 1.76 23.10 -0.57
N MET A 215 2.93 22.81 -1.11
CA MET A 215 3.85 21.96 -0.39
C MET A 215 5.21 21.87 -1.04
N VAL A 216 6.24 21.82 -0.21
CA VAL A 216 7.62 21.69 -0.67
C VAL A 216 8.16 20.39 -0.08
N THR A 217 8.66 19.52 -0.94
CA THR A 217 9.19 18.24 -0.50
C THR A 217 10.69 18.18 -0.74
N LEU A 218 11.41 17.67 0.25
CA LEU A 218 12.87 17.54 0.13
C LEU A 218 13.31 16.09 0.20
N ASP A 219 14.10 15.69 -0.79
CA ASP A 219 14.63 14.34 -0.86
C ASP A 219 16.11 14.41 -0.50
N TYR A 220 16.45 14.08 0.74
CA TYR A 220 17.83 14.10 1.21
C TYR A 220 18.55 12.82 0.81
N THR A 221 19.76 12.97 0.27
CA THR A 221 20.55 11.82 -0.16
C THR A 221 21.94 11.77 0.46
N VAL A 222 22.43 10.56 0.68
CA VAL A 222 23.75 10.30 1.24
C VAL A 222 24.26 8.99 0.65
N GLN A 223 25.58 8.84 0.55
CA GLN A 223 26.17 7.62 0.00
C GLN A 223 26.82 6.79 1.09
N PHE A 235 23.62 6.13 -1.49
CA PHE A 235 22.87 4.99 -2.08
C PHE A 235 21.43 4.95 -1.58
N SER A 236 21.16 5.70 -0.52
CA SER A 236 19.82 5.77 0.07
C SER A 236 19.42 7.21 0.40
N LYS A 237 18.13 7.44 0.60
CA LYS A 237 17.64 8.78 0.91
C LYS A 237 16.38 8.78 1.78
N PHE A 238 15.97 9.98 2.20
CA PHE A 238 14.76 10.15 2.99
C PHE A 238 14.15 11.50 2.65
N ARG A 239 12.84 11.62 2.80
CA ARG A 239 12.20 12.88 2.49
C ARG A 239 11.25 13.37 3.58
N LEU A 240 11.04 14.69 3.57
CA LEU A 240 10.16 15.37 4.50
C LEU A 240 9.48 16.45 3.69
N SER A 241 8.26 16.81 4.07
CA SER A 241 7.54 17.84 3.36
C SER A 241 7.31 19.04 4.24
N TYR A 242 7.18 20.21 3.61
CA TYR A 242 6.98 21.44 4.35
C TYR A 242 5.93 22.32 3.71
N TYR A 243 5.25 23.12 4.53
CA TYR A 243 4.28 24.05 4.00
C TYR A 243 5.14 25.28 3.74
N PRO A 244 5.22 25.71 2.48
CA PRO A 244 6.03 26.87 2.10
C PRO A 244 5.46 28.21 2.55
N HIS A 245 5.80 28.62 3.77
CA HIS A 245 5.30 29.90 4.28
C HIS A 245 6.11 31.03 3.66
N CYS A 246 5.39 32.07 3.24
CA CYS A 246 6.02 33.25 2.66
C CYS A 246 6.07 34.32 3.73
N LEU A 247 7.18 35.04 3.79
CA LEU A 247 7.38 36.08 4.78
C LEU A 247 6.16 36.97 5.03
N ALA A 248 5.52 37.42 3.97
CA ALA A 248 4.35 38.29 4.08
C ALA A 248 3.17 37.66 4.84
N SER A 249 2.65 36.55 4.31
CA SER A 249 1.52 35.86 4.94
C SER A 249 1.83 35.35 6.34
N PHE A 250 3.06 34.87 6.53
CA PHE A 250 3.46 34.35 7.84
C PHE A 250 3.50 35.49 8.85
N THR A 251 4.01 36.64 8.41
CA THR A 251 4.12 37.82 9.27
C THR A 251 2.76 38.23 9.83
N GLU A 252 1.71 38.11 9.03
CA GLU A 252 0.38 38.48 9.48
C GLU A 252 -0.23 37.30 10.24
N LEU A 253 0.20 36.10 9.88
CA LEU A 253 -0.30 34.89 10.49
C LEU A 253 0.09 34.81 11.97
N VAL A 254 1.36 35.08 12.26
CA VAL A 254 1.85 35.02 13.64
C VAL A 254 1.31 36.19 14.48
N GLN A 255 1.02 37.31 13.83
CA GLN A 255 0.51 38.48 14.53
C GLN A 255 -0.94 38.30 14.95
N GLU A 256 -1.75 37.72 14.05
CA GLU A 256 -3.15 37.50 14.36
C GLU A 256 -3.30 36.44 15.44
N ALA A 257 -2.20 35.74 15.73
CA ALA A 257 -2.19 34.70 16.75
C ALA A 257 -2.35 35.36 18.11
N PHE A 258 -1.86 36.58 18.20
CA PHE A 258 -1.94 37.38 19.41
C PHE A 258 -3.16 38.30 19.31
N GLY A 259 -3.46 38.73 18.09
CA GLY A 259 -4.59 39.61 17.85
C GLY A 259 -4.08 40.99 17.49
N GLY A 260 -2.78 41.19 17.68
CA GLY A 260 -2.17 42.46 17.37
C GLY A 260 -1.37 43.01 18.54
N ARG A 261 -1.67 42.51 19.74
CA ARG A 261 -0.97 42.95 20.95
C ARG A 261 0.46 42.41 21.03
N CYS A 262 1.33 42.94 20.18
CA CYS A 262 2.72 42.51 20.18
C CYS A 262 3.58 43.46 19.37
N GLN A 263 4.89 43.24 19.44
CA GLN A 263 5.85 44.05 18.73
C GLN A 263 6.63 43.12 17.81
N HIS A 264 6.13 42.96 16.59
CA HIS A 264 6.77 42.08 15.62
C HIS A 264 8.12 42.61 15.17
N SER A 265 8.97 41.69 14.72
CA SER A 265 10.32 41.99 14.24
C SER A 265 10.76 40.81 13.40
N VAL A 266 11.58 41.05 12.38
CA VAL A 266 12.03 39.96 11.53
C VAL A 266 13.53 39.96 11.31
N LEU A 267 14.14 38.80 11.49
CA LEU A 267 15.58 38.67 11.29
C LEU A 267 15.86 37.77 10.10
N GLY A 268 17.01 37.98 9.47
CA GLY A 268 17.39 37.18 8.33
C GLY A 268 18.75 36.57 8.60
N ASP A 269 18.75 35.34 9.13
CA ASP A 269 19.98 34.64 9.48
C ASP A 269 20.65 35.34 10.66
N PHE A 270 19.83 35.73 11.66
CA PHE A 270 20.28 36.39 12.88
C PHE A 270 20.41 37.92 12.82
N LYS A 271 20.67 38.45 11.63
CA LYS A 271 20.79 39.91 11.46
C LYS A 271 19.43 40.49 11.10
N PRO A 272 19.11 41.69 11.60
CA PRO A 272 17.81 42.31 11.30
C PRO A 272 17.55 42.35 9.80
N TYR A 273 16.30 42.07 9.41
CA TYR A 273 15.92 42.06 8.00
C TYR A 273 15.36 43.42 7.58
N ARG A 274 15.84 43.91 6.45
CA ARG A 274 15.41 45.20 5.94
C ARG A 274 14.77 45.00 4.56
N PRO A 275 13.44 45.20 4.47
CA PRO A 275 12.77 45.02 3.17
C PRO A 275 13.52 45.77 2.07
N GLY A 276 13.86 45.05 1.00
CA GLY A 276 14.60 45.66 -0.10
C GLY A 276 16.04 45.16 -0.08
N GLN A 277 16.55 45.00 1.13
CA GLN A 277 17.89 44.50 1.39
C GLN A 277 18.41 43.62 0.26
N ALA A 278 19.71 43.70 0.00
CA ALA A 278 20.33 42.93 -1.07
C ALA A 278 20.63 41.47 -0.72
N TYR A 279 21.00 41.23 0.54
CA TYR A 279 21.31 39.89 1.01
C TYR A 279 20.08 38.99 1.09
N VAL A 280 20.21 37.76 0.61
CA VAL A 280 19.11 36.80 0.63
C VAL A 280 19.21 35.84 1.82
N PRO A 281 18.38 36.06 2.85
CA PRO A 281 18.38 35.20 4.05
C PRO A 281 18.06 33.74 3.72
N CYS A 282 18.55 32.83 4.55
CA CYS A 282 18.24 31.41 4.36
C CYS A 282 17.00 31.12 5.21
N TYR A 283 16.91 31.81 6.35
CA TYR A 283 15.79 31.66 7.29
C TYR A 283 15.34 33.03 7.74
N PHE A 284 14.11 33.09 8.24
CA PHE A 284 13.53 34.31 8.76
C PHE A 284 13.11 34.01 10.18
N ILE A 285 13.66 34.77 11.13
CA ILE A 285 13.32 34.56 12.53
C ILE A 285 12.43 35.70 13.00
N HIS A 286 11.21 35.37 13.37
CA HIS A 286 10.26 36.37 13.86
C HIS A 286 10.30 36.45 15.38
N VAL A 287 10.67 37.61 15.91
CA VAL A 287 10.70 37.81 17.34
C VAL A 287 9.55 38.75 17.70
N LEU A 288 8.56 38.23 18.41
CA LEU A 288 7.40 39.02 18.79
C LEU A 288 7.34 39.14 20.30
N LYS A 289 7.21 40.36 20.79
CA LYS A 289 7.13 40.59 22.22
C LYS A 289 5.68 40.92 22.60
N LYS A 290 5.01 39.93 23.16
CA LYS A 290 3.62 40.08 23.59
C LYS A 290 3.52 41.31 24.48
N THR A 291 2.41 42.02 24.36
CA THR A 291 2.18 43.20 25.19
C THR A 291 1.05 42.88 26.16
N GLY A 292 -0.19 42.95 25.65
CA GLY A 292 -1.34 42.65 26.47
C GLY A 292 -1.51 41.15 26.67
N VAL B 1 2.58 5.32 -15.62
CA VAL B 1 3.23 4.37 -14.67
C VAL B 1 2.79 4.65 -13.24
N ASP B 2 1.94 3.77 -12.71
CA ASP B 2 1.44 3.90 -11.36
C ASP B 2 2.58 3.83 -10.35
N SER B 3 2.47 4.59 -9.28
CA SER B 3 3.49 4.62 -8.24
C SER B 3 3.02 5.45 -7.05
N VAL B 4 3.28 4.96 -5.84
CA VAL B 4 2.87 5.67 -4.63
C VAL B 4 3.85 6.76 -4.21
N TYR B 5 3.32 7.96 -4.06
CA TYR B 5 4.08 9.14 -3.67
C TYR B 5 3.92 9.29 -2.15
N ARG B 6 4.95 9.80 -1.48
CA ARG B 6 4.90 9.97 -0.02
C ARG B 6 5.22 11.39 0.41
N THR B 7 4.57 11.84 1.47
CA THR B 7 4.83 13.18 1.99
C THR B 7 6.13 13.09 2.81
N ARG B 8 6.30 11.98 3.51
CA ARG B 8 7.49 11.75 4.32
C ARG B 8 7.82 10.26 4.26
N SER B 9 9.11 9.93 4.33
CA SER B 9 9.51 8.53 4.30
C SER B 9 8.98 7.74 5.50
N LEU B 10 8.80 6.44 5.31
CA LEU B 10 8.32 5.59 6.39
C LEU B 10 9.36 5.56 7.51
N GLY B 11 8.90 5.67 8.75
CA GLY B 11 9.82 5.64 9.88
C GLY B 11 10.53 6.96 10.15
N VAL B 12 10.13 8.01 9.45
CA VAL B 12 10.74 9.29 9.67
C VAL B 12 9.84 10.21 10.48
N ALA B 13 10.41 10.87 11.48
CA ALA B 13 9.65 11.77 12.34
C ALA B 13 10.06 13.20 12.04
N ALA B 14 9.26 14.14 12.52
CA ALA B 14 9.50 15.55 12.32
C ALA B 14 8.90 16.26 13.51
N GLU B 15 9.67 17.13 14.15
CA GLU B 15 9.18 17.83 15.32
C GLU B 15 7.93 18.63 15.06
N GLY B 16 6.99 18.55 16.00
CA GLY B 16 5.75 19.29 15.86
C GLY B 16 4.56 18.49 15.38
N ILE B 17 4.79 17.28 14.89
CA ILE B 17 3.69 16.46 14.41
C ILE B 17 3.75 15.01 14.90
N PRO B 18 2.61 14.47 15.29
CA PRO B 18 2.51 13.09 15.78
C PRO B 18 3.20 12.13 14.80
N ASP B 19 3.75 11.04 15.33
CA ASP B 19 4.45 10.09 14.48
C ASP B 19 3.50 9.29 13.60
N GLN B 20 4.06 8.75 12.51
CA GLN B 20 3.37 7.94 11.51
C GLN B 20 1.87 7.66 11.74
N TYR B 21 1.58 6.64 12.53
CA TYR B 21 0.17 6.28 12.78
C TYR B 21 -0.12 6.18 14.29
N ALA B 22 0.39 7.13 15.05
CA ALA B 22 0.21 7.10 16.50
C ALA B 22 -1.20 7.35 17.01
N ASP B 23 -2.04 8.00 16.20
CA ASP B 23 -3.40 8.32 16.62
C ASP B 23 -4.54 7.60 15.90
N GLY B 24 -4.25 6.47 15.27
CA GLY B 24 -5.30 5.72 14.59
C GLY B 24 -6.23 5.09 15.61
N GLU B 25 -7.43 4.70 15.18
CA GLU B 25 -8.38 4.08 16.10
C GLU B 25 -7.81 2.80 16.70
N ALA B 26 -7.17 2.00 15.87
CA ALA B 26 -6.58 0.74 16.32
C ALA B 26 -5.57 1.01 17.42
N ALA B 27 -4.69 1.97 17.18
CA ALA B 27 -3.65 2.32 18.14
C ALA B 27 -4.24 2.82 19.44
N ARG B 28 -5.36 3.53 19.36
CA ARG B 28 -5.97 4.05 20.57
C ARG B 28 -6.59 2.96 21.42
N VAL B 29 -7.29 2.01 20.82
CA VAL B 29 -7.88 0.94 21.61
C VAL B 29 -6.75 0.12 22.23
N TRP B 30 -5.72 -0.15 21.43
CA TRP B 30 -4.57 -0.90 21.89
C TRP B 30 -3.94 -0.23 23.12
N GLN B 31 -3.84 1.10 23.10
CA GLN B 31 -3.27 1.83 24.23
C GLN B 31 -4.12 1.61 25.48
N LEU B 32 -5.45 1.57 25.32
CA LEU B 32 -6.32 1.31 26.45
C LEU B 32 -6.03 -0.10 26.93
N TYR B 33 -5.70 -0.99 26.01
CA TYR B 33 -5.40 -2.36 26.36
C TYR B 33 -4.18 -2.48 27.26
N ILE B 34 -3.06 -1.90 26.83
CA ILE B 34 -1.84 -1.96 27.63
C ILE B 34 -2.03 -1.19 28.93
N GLY B 35 -3.02 -0.31 28.94
CA GLY B 35 -3.32 0.47 30.13
C GLY B 35 -4.04 -0.39 31.16
N ASP B 36 -4.79 -1.37 30.67
CA ASP B 36 -5.55 -2.27 31.55
C ASP B 36 -4.80 -3.58 31.80
N THR B 37 -3.51 -3.58 31.53
CA THR B 37 -2.70 -4.77 31.72
C THR B 37 -1.55 -4.48 32.66
N ARG B 38 -1.39 -3.21 33.01
CA ARG B 38 -0.32 -2.77 33.91
C ARG B 38 -0.38 -3.35 35.32
N SER B 39 -1.22 -4.37 35.52
CA SER B 39 -1.35 -4.98 36.84
C SER B 39 -1.26 -6.50 36.75
N ARG B 40 -0.57 -7.10 37.73
CA ARG B 40 -0.43 -8.54 37.78
C ARG B 40 -1.26 -9.10 38.92
N THR B 41 -1.68 -10.36 38.81
CA THR B 41 -2.45 -10.99 39.87
C THR B 41 -1.48 -11.30 41.00
N ALA B 42 -2.00 -11.38 42.23
CA ALA B 42 -1.15 -11.67 43.37
C ALA B 42 -0.47 -13.03 43.19
N GLU B 43 -1.22 -13.97 42.62
CA GLU B 43 -0.74 -15.34 42.40
C GLU B 43 0.50 -15.33 41.53
N TYR B 44 0.47 -14.53 40.46
CA TYR B 44 1.59 -14.42 39.54
C TYR B 44 2.83 -13.86 40.23
N LYS B 45 2.65 -12.75 40.93
CA LYS B 45 3.76 -12.10 41.64
C LYS B 45 4.42 -13.02 42.62
N ALA B 46 3.60 -13.69 43.43
CA ALA B 46 4.11 -14.62 44.42
C ALA B 46 4.86 -15.76 43.76
N TRP B 47 4.34 -16.26 42.65
CA TRP B 47 5.02 -17.36 41.96
C TRP B 47 6.39 -16.93 41.43
N LEU B 48 6.44 -15.77 40.79
CA LEU B 48 7.70 -15.28 40.23
C LEU B 48 8.74 -14.93 41.29
N LEU B 49 8.33 -14.26 42.36
CA LEU B 49 9.26 -13.92 43.42
C LEU B 49 9.72 -15.22 44.08
N GLY B 50 8.78 -16.14 44.25
CA GLY B 50 9.11 -17.42 44.86
C GLY B 50 10.16 -18.17 44.06
N LEU B 51 9.96 -18.26 42.75
CA LEU B 51 10.90 -18.96 41.88
C LEU B 51 12.28 -18.35 41.96
N LEU B 52 12.35 -17.03 41.88
CA LEU B 52 13.62 -16.33 41.91
C LEU B 52 14.36 -16.51 43.23
N ARG B 53 13.65 -16.35 44.35
CA ARG B 53 14.28 -16.49 45.66
C ARG B 53 14.73 -17.93 45.89
N GLN B 54 13.91 -18.87 45.42
CA GLN B 54 14.20 -20.29 45.55
C GLN B 54 15.54 -20.66 44.92
N HIS B 55 15.97 -19.90 43.93
CA HIS B 55 17.25 -20.17 43.27
C HIS B 55 18.32 -19.17 43.66
N GLY B 56 17.99 -18.26 44.58
CA GLY B 56 18.93 -17.27 45.06
C GLY B 56 19.40 -16.27 44.02
N CYS B 57 18.53 -15.92 43.09
CA CYS B 57 18.87 -14.98 42.03
C CYS B 57 18.94 -13.53 42.52
N HIS B 58 19.89 -12.78 41.97
CA HIS B 58 20.04 -11.37 42.33
C HIS B 58 20.11 -10.47 41.10
N ARG B 59 20.89 -10.89 40.09
CA ARG B 59 21.03 -10.12 38.87
C ARG B 59 20.07 -10.71 37.86
N VAL B 60 19.07 -9.90 37.49
CA VAL B 60 18.05 -10.35 36.57
C VAL B 60 17.97 -9.54 35.30
N LEU B 61 17.82 -10.26 34.19
CA LEU B 61 17.67 -9.66 32.88
C LEU B 61 16.26 -9.92 32.36
N ASP B 62 15.54 -8.85 32.07
CA ASP B 62 14.20 -8.96 31.53
C ASP B 62 14.34 -8.65 30.03
N VAL B 63 14.30 -9.67 29.18
CA VAL B 63 14.45 -9.46 27.73
C VAL B 63 13.20 -9.01 26.99
N ALA B 64 12.04 -9.07 27.65
CA ALA B 64 10.77 -8.66 27.04
C ALA B 64 10.14 -7.63 27.97
N CYS B 65 10.97 -6.67 28.38
CA CYS B 65 10.56 -5.64 29.31
C CYS B 65 9.17 -5.06 29.07
N GLY B 66 8.89 -4.64 27.84
CA GLY B 66 7.60 -4.07 27.55
C GLY B 66 7.43 -2.79 28.36
N THR B 67 6.27 -2.62 28.98
CA THR B 67 6.01 -1.41 29.75
C THR B 67 6.67 -1.46 31.14
N GLY B 68 7.38 -2.55 31.43
CA GLY B 68 8.10 -2.67 32.68
C GLY B 68 7.41 -3.29 33.89
N VAL B 69 6.12 -3.58 33.78
CA VAL B 69 5.39 -4.14 34.90
C VAL B 69 6.20 -5.11 35.75
N ASP B 70 6.68 -6.18 35.14
CA ASP B 70 7.47 -7.16 35.89
C ASP B 70 8.80 -6.61 36.40
N SER B 71 9.45 -5.78 35.60
CA SER B 71 10.72 -5.20 36.00
C SER B 71 10.55 -4.30 37.23
N ILE B 72 9.50 -3.48 37.24
CA ILE B 72 9.26 -2.59 38.38
C ILE B 72 9.07 -3.40 39.66
N MET B 73 8.33 -4.49 39.58
CA MET B 73 8.11 -5.33 40.75
C MET B 73 9.44 -5.85 41.27
N LEU B 74 10.28 -6.32 40.35
CA LEU B 74 11.59 -6.85 40.70
C LEU B 74 12.49 -5.75 41.28
N VAL B 75 12.36 -4.53 40.80
CA VAL B 75 13.17 -3.43 41.32
C VAL B 75 12.78 -3.16 42.76
N GLU B 76 11.47 -3.20 43.01
CA GLU B 76 10.94 -2.94 44.33
C GLU B 76 11.35 -4.00 45.34
N GLU B 77 11.45 -5.25 44.90
CA GLU B 77 11.83 -6.34 45.80
C GLU B 77 13.34 -6.46 46.00
N GLY B 78 14.09 -5.48 45.52
CA GLY B 78 15.52 -5.46 45.72
C GLY B 78 16.47 -6.26 44.85
N PHE B 79 16.05 -6.62 43.64
CA PHE B 79 16.97 -7.35 42.76
C PHE B 79 17.75 -6.31 41.97
N SER B 80 18.78 -6.78 41.27
CA SER B 80 19.58 -5.92 40.41
C SER B 80 18.96 -6.19 39.04
N VAL B 81 18.23 -5.21 38.51
CA VAL B 81 17.53 -5.40 37.25
C VAL B 81 17.98 -4.63 36.02
N THR B 82 18.06 -5.34 34.91
CA THR B 82 18.38 -4.74 33.62
C THR B 82 17.20 -5.18 32.75
N SER B 83 16.49 -4.20 32.22
CA SER B 83 15.31 -4.43 31.40
C SER B 83 15.62 -4.02 29.96
N VAL B 84 15.20 -4.84 29.02
CA VAL B 84 15.48 -4.54 27.64
C VAL B 84 14.32 -4.94 26.73
N ASP B 85 14.08 -4.15 25.69
CA ASP B 85 13.03 -4.46 24.73
C ASP B 85 13.40 -3.84 23.39
N ALA B 86 12.87 -4.43 22.31
CA ALA B 86 13.13 -3.97 20.96
C ALA B 86 12.15 -2.88 20.54
N SER B 87 11.05 -2.76 21.29
CA SER B 87 10.03 -1.77 20.98
C SER B 87 10.18 -0.48 21.76
N ASP B 88 10.46 0.61 21.06
CA ASP B 88 10.61 1.91 21.70
C ASP B 88 9.26 2.42 22.17
N LYS B 89 8.20 2.06 21.47
CA LYS B 89 6.87 2.53 21.85
C LYS B 89 6.50 2.02 23.25
N MET B 90 6.92 0.81 23.58
CA MET B 90 6.60 0.26 24.89
C MET B 90 7.62 0.62 25.96
N LEU B 91 8.89 0.72 25.55
CA LEU B 91 9.96 1.07 26.47
C LEU B 91 9.70 2.46 27.07
N LYS B 92 9.05 3.29 26.27
CA LYS B 92 8.71 4.64 26.67
C LYS B 92 8.02 4.66 28.04
N TYR B 93 7.06 3.77 28.25
CA TYR B 93 6.33 3.72 29.52
C TYR B 93 7.21 3.26 30.69
N ALA B 94 8.16 2.37 30.42
CA ALA B 94 9.05 1.92 31.48
C ALA B 94 10.01 3.04 31.91
N LEU B 95 10.53 3.77 30.92
CA LEU B 95 11.44 4.87 31.17
C LEU B 95 10.71 5.98 31.92
N LYS B 96 9.48 6.29 31.52
CA LYS B 96 8.69 7.31 32.20
C LYS B 96 8.57 6.94 33.70
N GLU B 97 8.18 5.70 33.98
CA GLU B 97 8.04 5.23 35.36
C GLU B 97 9.34 5.36 36.17
N ARG B 98 10.46 5.01 35.56
CA ARG B 98 11.75 5.09 36.24
C ARG B 98 12.12 6.52 36.58
N TRP B 99 11.76 7.44 35.68
CA TRP B 99 12.04 8.85 35.89
C TRP B 99 11.24 9.44 37.05
N ASN B 100 9.96 9.05 37.12
CA ASN B 100 9.09 9.56 38.18
C ASN B 100 9.50 9.04 39.54
N ARG B 101 10.20 7.92 39.56
CA ARG B 101 10.63 7.31 40.81
C ARG B 101 12.15 7.37 40.91
N ARG B 102 12.71 8.30 40.15
CA ARG B 102 14.14 8.55 40.08
C ARG B 102 14.80 8.77 41.44
N LYS B 103 14.06 9.35 42.39
CA LYS B 103 14.60 9.62 43.72
C LYS B 103 14.79 8.37 44.58
N GLU B 104 13.99 7.35 44.35
CA GLU B 104 14.14 6.10 45.10
C GLU B 104 15.44 5.42 44.63
N PRO B 105 16.40 5.25 45.55
CA PRO B 105 17.69 4.62 45.25
C PRO B 105 17.65 3.38 44.36
N ALA B 106 16.71 2.49 44.62
CA ALA B 106 16.60 1.27 43.83
C ALA B 106 16.25 1.55 42.37
N PHE B 107 15.46 2.60 42.15
CA PHE B 107 15.06 2.95 40.80
C PHE B 107 16.13 3.72 40.06
N ASP B 108 16.99 4.40 40.80
CA ASP B 108 18.05 5.13 40.13
C ASP B 108 19.05 4.14 39.55
N LYS B 109 19.03 2.92 40.09
CA LYS B 109 19.92 1.84 39.66
C LYS B 109 19.29 0.84 38.69
N TRP B 110 18.07 1.12 38.24
CA TRP B 110 17.36 0.25 37.29
C TRP B 110 17.85 0.51 35.86
N VAL B 111 18.45 -0.49 35.23
CA VAL B 111 18.96 -0.32 33.86
C VAL B 111 17.93 -0.69 32.78
N ILE B 112 17.68 0.24 31.88
CA ILE B 112 16.71 0.06 30.79
C ILE B 112 17.35 0.44 29.45
N GLU B 113 17.38 -0.51 28.50
CA GLU B 113 17.96 -0.23 27.18
C GLU B 113 17.20 -0.88 26.01
N GLU B 114 17.46 -0.36 24.82
CA GLU B 114 16.85 -0.90 23.62
C GLU B 114 17.74 -2.08 23.23
N ALA B 115 17.13 -3.19 22.86
CA ALA B 115 17.88 -4.37 22.48
C ALA B 115 16.96 -5.32 21.75
N ASN B 116 17.54 -6.04 20.78
CA ASN B 116 16.79 -6.98 19.96
C ASN B 116 17.32 -8.38 20.17
N TRP B 117 16.43 -9.32 20.48
CA TRP B 117 16.85 -10.70 20.69
C TRP B 117 17.83 -11.18 19.62
N LEU B 118 17.60 -10.76 18.38
CA LEU B 118 18.44 -11.17 17.25
C LEU B 118 19.87 -10.64 17.27
N THR B 119 20.08 -9.57 18.03
CA THR B 119 21.42 -8.97 18.14
C THR B 119 21.68 -8.65 19.61
N LEU B 120 21.15 -9.51 20.49
CA LEU B 120 21.30 -9.31 21.92
C LEU B 120 22.76 -9.31 22.34
N ASP B 121 23.52 -10.27 21.82
CA ASP B 121 24.93 -10.41 22.12
C ASP B 121 25.71 -9.09 22.07
N LYS B 122 25.32 -8.21 21.16
CA LYS B 122 26.01 -6.92 21.01
C LYS B 122 25.24 -5.71 21.53
N ASP B 123 23.92 -5.81 21.59
CA ASP B 123 23.12 -4.68 22.07
C ASP B 123 23.30 -4.49 23.57
N VAL B 124 23.70 -5.55 24.28
CA VAL B 124 23.91 -5.47 25.72
C VAL B 124 25.22 -6.13 26.14
N PRO B 125 25.93 -5.50 27.10
CA PRO B 125 27.21 -6.03 27.60
C PRO B 125 27.00 -7.26 28.48
N ALA B 126 27.36 -8.43 27.95
CA ALA B 126 27.20 -9.69 28.69
C ALA B 126 28.53 -10.21 29.23
N GLY B 127 28.85 -11.46 28.88
CA GLY B 127 30.09 -12.07 29.35
C GLY B 127 29.92 -12.55 30.77
N ASP B 128 29.65 -11.60 31.68
CA ASP B 128 29.46 -11.91 33.08
C ASP B 128 28.32 -12.93 33.22
N GLY B 129 27.13 -12.51 32.83
CA GLY B 129 25.96 -13.38 32.90
C GLY B 129 24.99 -12.96 33.98
N PHE B 130 23.71 -13.28 33.80
CA PHE B 130 22.72 -12.91 34.80
C PHE B 130 22.30 -14.15 35.55
N ASP B 131 21.97 -13.99 36.83
CA ASP B 131 21.54 -15.11 37.66
C ASP B 131 20.27 -15.68 37.02
N ALA B 132 19.43 -14.79 36.49
CA ALA B 132 18.19 -15.20 35.87
C ALA B 132 17.80 -14.31 34.71
N VAL B 133 17.26 -14.96 33.68
CA VAL B 133 16.77 -14.26 32.51
C VAL B 133 15.29 -14.63 32.38
N ILE B 134 14.45 -13.60 32.28
CA ILE B 134 13.01 -13.82 32.16
C ILE B 134 12.48 -13.24 30.86
N CYS B 135 11.56 -13.99 30.26
CA CYS B 135 10.90 -13.61 29.01
C CYS B 135 9.49 -14.15 29.18
N LEU B 136 8.66 -13.33 29.83
CA LEU B 136 7.28 -13.70 30.13
C LEU B 136 6.23 -12.87 29.41
N GLY B 137 4.97 -13.29 29.54
CA GLY B 137 3.87 -12.58 28.89
C GLY B 137 3.62 -13.05 27.47
N ASN B 138 4.07 -14.27 27.16
CA ASN B 138 3.93 -14.84 25.83
C ASN B 138 4.51 -13.89 24.79
N SER B 139 5.58 -13.22 25.17
CA SER B 139 6.28 -12.28 24.29
C SER B 139 7.07 -12.96 23.17
N PHE B 140 7.71 -14.09 23.47
CA PHE B 140 8.52 -14.73 22.44
C PHE B 140 7.74 -15.05 21.16
N ALA B 141 6.47 -15.43 21.32
CA ALA B 141 5.62 -15.80 20.20
C ALA B 141 5.34 -14.65 19.22
N HIS B 142 5.78 -13.45 19.57
CA HIS B 142 5.60 -12.29 18.67
C HIS B 142 6.54 -12.38 17.48
N LEU B 143 7.62 -13.14 17.64
CA LEU B 143 8.63 -13.28 16.59
C LEU B 143 8.14 -14.26 15.53
N PRO B 144 7.96 -13.77 14.30
CA PRO B 144 7.49 -14.61 13.20
C PRO B 144 8.58 -15.50 12.63
N ASP B 145 8.17 -16.43 11.78
CA ASP B 145 9.13 -17.32 11.10
C ASP B 145 9.06 -16.94 9.64
N SER B 146 9.71 -15.83 9.31
CA SER B 146 9.75 -15.29 7.96
C SER B 146 10.37 -16.24 6.94
N LYS B 147 11.58 -16.70 7.23
CA LYS B 147 12.30 -17.59 6.33
C LYS B 147 11.64 -18.95 6.19
N GLY B 148 10.86 -19.35 7.19
CA GLY B 148 10.17 -20.62 7.12
C GLY B 148 10.94 -21.81 7.66
N ASP B 149 12.15 -21.58 8.18
CA ASP B 149 12.95 -22.67 8.73
C ASP B 149 13.16 -22.50 10.24
N GLN B 150 12.50 -21.50 10.82
CA GLN B 150 12.59 -21.19 12.24
C GLN B 150 13.98 -20.76 12.67
N SER B 151 14.80 -20.38 11.70
CA SER B 151 16.17 -19.96 11.98
C SER B 151 16.21 -18.78 12.94
N GLU B 152 15.29 -17.84 12.76
CA GLU B 152 15.23 -16.67 13.64
C GLU B 152 14.88 -17.09 15.08
N HIS B 153 14.00 -18.07 15.22
CA HIS B 153 13.62 -18.54 16.54
C HIS B 153 14.85 -19.09 17.26
N ARG B 154 15.63 -19.92 16.55
CA ARG B 154 16.84 -20.53 17.12
C ARG B 154 17.88 -19.48 17.45
N LEU B 155 18.03 -18.47 16.59
CA LEU B 155 19.01 -17.43 16.86
C LEU B 155 18.59 -16.60 18.08
N ALA B 156 17.29 -16.36 18.23
CA ALA B 156 16.81 -15.57 19.36
C ALA B 156 16.97 -16.34 20.69
N LEU B 157 16.54 -17.60 20.72
CA LEU B 157 16.67 -18.41 21.92
C LEU B 157 18.13 -18.55 22.35
N LYS B 158 18.97 -18.87 21.37
CA LYS B 158 20.41 -19.03 21.59
C LYS B 158 20.99 -17.80 22.27
N ASN B 159 20.71 -16.63 21.71
CA ASN B 159 21.21 -15.38 22.30
C ASN B 159 20.62 -15.12 23.68
N ILE B 160 19.36 -15.49 23.87
CA ILE B 160 18.69 -15.28 25.14
C ILE B 160 19.34 -16.18 26.19
N ALA B 161 19.60 -17.44 25.83
CA ALA B 161 20.22 -18.38 26.75
C ALA B 161 21.68 -18.07 27.04
N SER B 162 22.34 -17.35 26.13
CA SER B 162 23.75 -17.03 26.33
C SER B 162 23.90 -15.87 27.32
N MET B 163 22.77 -15.38 27.82
CA MET B 163 22.79 -14.29 28.81
C MET B 163 22.70 -14.90 30.21
N VAL B 164 22.44 -16.20 30.26
CA VAL B 164 22.32 -16.91 31.52
C VAL B 164 23.67 -17.40 32.00
N ARG B 165 24.08 -16.99 33.20
CA ARG B 165 25.36 -17.43 33.75
C ARG B 165 25.33 -18.93 34.01
N PRO B 166 26.51 -19.55 34.15
CA PRO B 166 26.50 -20.99 34.40
C PRO B 166 25.76 -21.26 35.72
N GLY B 167 24.85 -22.23 35.71
CA GLY B 167 24.09 -22.53 36.91
C GLY B 167 22.91 -21.57 37.01
N GLY B 168 22.86 -20.62 36.07
CA GLY B 168 21.81 -19.62 36.04
C GLY B 168 20.43 -20.13 35.67
N LEU B 169 19.45 -19.24 35.72
CA LEU B 169 18.08 -19.61 35.41
C LEU B 169 17.46 -18.86 34.22
N LEU B 170 16.63 -19.57 33.47
CA LEU B 170 15.92 -18.96 32.35
C LEU B 170 14.45 -19.28 32.52
N VAL B 171 13.61 -18.25 32.49
CA VAL B 171 12.17 -18.44 32.62
C VAL B 171 11.56 -17.86 31.33
N ILE B 172 10.84 -18.68 30.59
CA ILE B 172 10.24 -18.21 29.34
C ILE B 172 8.94 -18.96 29.10
N ASP B 173 7.91 -18.25 28.66
CA ASP B 173 6.60 -18.89 28.46
C ASP B 173 5.97 -18.61 27.11
N HIS B 174 4.84 -19.25 26.89
CA HIS B 174 4.06 -19.08 25.68
C HIS B 174 2.66 -19.61 25.94
N ARG B 175 1.67 -19.06 25.25
CA ARG B 175 0.31 -19.55 25.45
C ARG B 175 0.29 -20.97 24.97
N ASN B 176 -0.74 -21.70 25.36
CA ASN B 176 -0.91 -23.08 24.97
C ASN B 176 -1.46 -23.07 23.54
N TYR B 177 -0.56 -23.10 22.54
CA TYR B 177 -1.01 -23.09 21.16
C TYR B 177 -1.50 -24.44 20.65
N ASP B 178 -1.18 -25.52 21.37
CA ASP B 178 -1.66 -26.85 20.97
C ASP B 178 -3.19 -26.82 21.06
N TYR B 179 -3.68 -26.26 22.15
CA TYR B 179 -5.13 -26.15 22.37
C TYR B 179 -5.77 -25.19 21.35
N ILE B 180 -5.13 -24.07 21.09
CA ILE B 180 -5.67 -23.10 20.12
C ILE B 180 -5.72 -23.69 18.73
N LEU B 181 -4.63 -24.37 18.32
CA LEU B 181 -4.55 -24.99 17.01
C LEU B 181 -5.60 -26.10 16.82
N SER B 182 -5.90 -26.83 17.87
CA SER B 182 -6.86 -27.93 17.78
C SER B 182 -8.32 -27.51 17.89
N THR B 183 -8.60 -26.40 18.55
CA THR B 183 -9.99 -25.93 18.66
C THR B 183 -10.18 -24.70 17.78
N GLY B 184 -9.08 -24.15 17.30
CA GLY B 184 -9.14 -22.98 16.44
C GLY B 184 -9.57 -21.71 17.15
N CYS B 185 -9.65 -21.74 18.47
CA CYS B 185 -10.07 -20.57 19.23
C CYS B 185 -9.29 -20.39 20.51
N ALA B 186 -8.95 -19.14 20.82
CA ALA B 186 -8.23 -18.85 22.06
C ALA B 186 -9.20 -19.18 23.18
N PRO B 187 -8.70 -19.68 24.32
CA PRO B 187 -9.63 -19.99 25.40
C PRO B 187 -10.40 -18.77 25.86
N PRO B 188 -11.62 -18.97 26.40
CA PRO B 188 -12.45 -17.86 26.88
C PRO B 188 -11.76 -17.04 27.97
N GLY B 189 -11.83 -15.72 27.85
CA GLY B 189 -11.22 -14.82 28.81
C GLY B 189 -11.09 -15.31 30.25
N LYS B 190 -9.84 -15.40 30.72
CA LYS B 190 -9.54 -15.83 32.08
C LYS B 190 -8.23 -15.16 32.45
N ASN B 191 -7.21 -15.49 31.67
CA ASN B 191 -5.85 -14.99 31.81
C ASN B 191 -5.43 -14.68 33.25
N ILE B 192 -4.70 -15.61 33.85
CA ILE B 192 -4.26 -15.46 35.22
C ILE B 192 -2.93 -14.72 35.41
N TYR B 193 -2.55 -13.93 34.41
CA TYR B 193 -1.33 -13.16 34.49
C TYR B 193 -1.70 -11.78 34.98
N TYR B 194 -2.81 -11.25 34.47
CA TYR B 194 -3.26 -9.93 34.90
C TYR B 194 -4.76 -9.85 35.10
N LYS B 195 -5.20 -8.84 35.86
CA LYS B 195 -6.62 -8.65 36.12
C LYS B 195 -7.19 -7.68 35.09
N SER B 196 -7.93 -8.21 34.13
CA SER B 196 -8.54 -7.41 33.08
C SER B 196 -9.89 -6.83 33.47
N ASP B 197 -9.90 -5.57 33.89
CA ASP B 197 -11.14 -4.90 34.26
C ASP B 197 -11.82 -4.35 33.02
N LEU B 198 -11.45 -4.89 31.85
CA LEU B 198 -12.02 -4.43 30.59
C LEU B 198 -12.41 -5.64 29.75
N THR B 199 -13.71 -5.77 29.48
CA THR B 199 -14.24 -6.88 28.70
C THR B 199 -13.63 -6.98 27.30
N LYS B 200 -13.46 -8.20 26.82
CA LYS B 200 -12.87 -8.44 25.52
C LYS B 200 -13.55 -9.58 24.76
N ASP B 201 -13.37 -9.56 23.44
CA ASP B 201 -13.91 -10.59 22.56
C ASP B 201 -12.84 -10.89 21.51
N ILE B 202 -12.30 -12.10 21.56
CA ILE B 202 -11.24 -12.47 20.63
C ILE B 202 -11.64 -13.32 19.43
N THR B 203 -11.38 -12.80 18.24
CA THR B 203 -11.65 -13.56 17.02
C THR B 203 -10.28 -14.17 16.66
N THR B 204 -10.25 -15.48 16.45
CA THR B 204 -9.01 -16.18 16.16
C THR B 204 -8.84 -16.67 14.73
N SER B 205 -7.75 -16.27 14.09
CA SER B 205 -7.47 -16.72 12.73
C SER B 205 -6.19 -17.55 12.68
N VAL B 206 -6.28 -18.76 12.16
CA VAL B 206 -5.10 -19.63 12.06
C VAL B 206 -4.70 -19.82 10.60
N LEU B 207 -3.45 -19.53 10.28
CA LEU B 207 -2.95 -19.71 8.92
C LEU B 207 -2.05 -20.94 8.93
N THR B 208 -2.39 -21.92 8.11
CA THR B 208 -1.62 -23.15 8.00
C THR B 208 -1.10 -23.26 6.56
N VAL B 209 0.22 -23.43 6.42
CA VAL B 209 0.87 -23.54 5.12
C VAL B 209 1.44 -24.96 4.93
N ASN B 210 0.93 -25.65 3.90
CA ASN B 210 1.34 -27.02 3.59
C ASN B 210 1.19 -27.91 4.81
N ASN B 211 0.12 -27.63 5.55
CA ASN B 211 -0.25 -28.34 6.74
C ASN B 211 0.55 -28.04 8.00
N LYS B 212 1.40 -27.02 7.94
CA LYS B 212 2.17 -26.65 9.12
C LYS B 212 1.64 -25.30 9.66
N ALA B 213 1.26 -25.26 10.94
CA ALA B 213 0.73 -24.03 11.50
C ALA B 213 1.80 -22.96 11.35
N HIS B 214 1.44 -21.82 10.78
CA HIS B 214 2.42 -20.77 10.57
C HIS B 214 2.14 -19.49 11.32
N MET B 215 0.88 -19.17 11.52
CA MET B 215 0.55 -17.94 12.20
C MET B 215 -0.82 -17.95 12.83
N VAL B 216 -0.94 -17.24 13.94
CA VAL B 216 -2.21 -17.11 14.64
C VAL B 216 -2.43 -15.61 14.78
N THR B 217 -3.50 -15.12 14.18
CA THR B 217 -3.82 -13.71 14.25
C THR B 217 -5.03 -13.48 15.14
N LEU B 218 -4.83 -12.64 16.14
CA LEU B 218 -5.88 -12.32 17.10
C LEU B 218 -6.45 -10.92 16.93
N ASP B 219 -7.77 -10.82 16.78
CA ASP B 219 -8.44 -9.53 16.66
C ASP B 219 -9.12 -9.24 18.00
N TYR B 220 -8.50 -8.39 18.81
CA TYR B 220 -9.06 -8.05 20.13
C TYR B 220 -10.09 -6.95 20.00
N THR B 221 -11.32 -7.25 20.39
CA THR B 221 -12.40 -6.25 20.33
C THR B 221 -12.65 -5.78 21.74
N VAL B 222 -12.18 -4.59 22.05
CA VAL B 222 -12.32 -4.02 23.37
C VAL B 222 -13.57 -3.15 23.47
N GLN B 223 -14.16 -3.13 24.66
CA GLN B 223 -15.35 -2.31 24.91
C GLN B 223 -14.87 -0.96 25.43
N VAL B 224 -14.69 -0.01 24.52
CA VAL B 224 -14.24 1.33 24.88
C VAL B 224 -15.10 1.88 26.02
N PRO B 225 -14.45 2.37 27.07
CA PRO B 225 -15.14 2.92 28.23
C PRO B 225 -16.06 4.07 27.84
N GLY B 226 -17.37 3.79 27.78
CA GLY B 226 -18.34 4.81 27.42
C GLY B 226 -18.09 5.41 26.05
N ALA B 227 -18.87 4.96 25.07
CA ALA B 227 -18.73 5.47 23.71
C ALA B 227 -19.79 4.84 22.80
N PHE B 235 -17.15 0.35 20.91
CA PHE B 235 -16.51 -0.94 20.48
C PHE B 235 -15.60 -0.78 19.28
N SER B 236 -14.33 -1.11 19.49
CA SER B 236 -13.31 -1.04 18.44
C SER B 236 -12.34 -2.20 18.66
N LYS B 237 -11.39 -2.37 17.75
CA LYS B 237 -10.45 -3.46 17.91
C LYS B 237 -9.07 -3.25 17.30
N PHE B 238 -8.14 -4.10 17.69
CA PHE B 238 -6.81 -4.03 17.15
C PHE B 238 -6.36 -5.47 16.89
N ARG B 239 -5.36 -5.62 16.03
CA ARG B 239 -4.89 -6.94 15.69
C ARG B 239 -3.40 -7.16 15.94
N LEU B 240 -3.08 -8.37 16.41
CA LEU B 240 -1.71 -8.78 16.67
C LEU B 240 -1.55 -10.22 16.23
N SER B 241 -0.33 -10.59 15.84
CA SER B 241 -0.03 -11.93 15.39
C SER B 241 1.05 -12.66 16.17
N TYR B 242 0.94 -13.98 16.20
CA TYR B 242 1.87 -14.82 16.96
C TYR B 242 2.28 -16.07 16.21
N TYR B 243 3.46 -16.60 16.56
CA TYR B 243 3.89 -17.84 15.99
C TYR B 243 3.36 -18.87 16.97
N PRO B 244 2.51 -19.78 16.50
CA PRO B 244 1.91 -20.82 17.33
C PRO B 244 2.86 -21.92 17.80
N HIS B 245 3.72 -21.61 18.77
CA HIS B 245 4.66 -22.60 19.30
C HIS B 245 3.92 -23.69 20.07
N CYS B 246 4.20 -24.94 19.72
CA CYS B 246 3.56 -26.04 20.44
C CYS B 246 4.54 -26.56 21.47
N LEU B 247 4.01 -27.13 22.55
CA LEU B 247 4.81 -27.64 23.65
C LEU B 247 6.01 -28.49 23.26
N ALA B 248 5.77 -29.58 22.54
CA ALA B 248 6.85 -30.49 22.13
C ALA B 248 7.96 -29.75 21.38
N SER B 249 7.59 -28.98 20.38
CA SER B 249 8.57 -28.24 19.59
C SER B 249 9.31 -27.19 20.40
N PHE B 250 8.61 -26.49 21.28
CA PHE B 250 9.25 -25.45 22.06
C PHE B 250 10.22 -26.08 23.07
N THR B 251 9.80 -27.19 23.67
CA THR B 251 10.64 -27.89 24.63
C THR B 251 11.97 -28.23 23.99
N GLU B 252 11.92 -28.82 22.79
CA GLU B 252 13.12 -29.19 22.05
C GLU B 252 13.96 -27.96 21.72
N LEU B 253 13.28 -26.92 21.26
CA LEU B 253 13.90 -25.66 20.86
C LEU B 253 14.70 -24.93 21.94
N VAL B 254 14.11 -24.78 23.13
CA VAL B 254 14.80 -24.07 24.20
C VAL B 254 15.96 -24.87 24.81
N GLN B 255 15.84 -26.21 24.84
CA GLN B 255 16.92 -27.04 25.38
C GLN B 255 18.11 -26.97 24.44
N GLU B 256 17.81 -27.09 23.16
CA GLU B 256 18.79 -27.02 22.09
C GLU B 256 19.54 -25.68 22.12
N ALA B 257 18.90 -24.63 22.64
CA ALA B 257 19.53 -23.31 22.73
C ALA B 257 20.58 -23.28 23.82
N PHE B 258 20.62 -24.35 24.62
CA PHE B 258 21.60 -24.49 25.70
C PHE B 258 22.60 -25.57 25.32
N GLY B 259 22.37 -26.19 24.15
CA GLY B 259 23.23 -27.25 23.69
C GLY B 259 22.97 -28.49 24.52
N GLY B 260 21.80 -28.53 25.16
CA GLY B 260 21.43 -29.66 26.00
C GLY B 260 22.00 -29.54 27.40
N ARG B 261 22.96 -28.62 27.59
CA ARG B 261 23.60 -28.40 28.88
C ARG B 261 22.66 -27.67 29.85
N CYS B 262 21.62 -28.37 30.31
CA CYS B 262 20.67 -27.73 31.21
C CYS B 262 19.64 -28.68 31.79
N GLN B 263 18.94 -28.23 32.82
CA GLN B 263 17.88 -29.00 33.44
C GLN B 263 16.62 -28.27 33.00
N HIS B 264 15.65 -29.02 32.51
CA HIS B 264 14.42 -28.45 32.00
C HIS B 264 13.16 -28.98 32.67
N SER B 265 12.23 -28.06 32.93
CA SER B 265 10.95 -28.43 33.52
C SER B 265 9.91 -27.45 32.97
N VAL B 266 8.65 -27.85 32.97
CA VAL B 266 7.62 -26.98 32.44
C VAL B 266 6.40 -26.91 33.36
N LEU B 267 5.91 -25.69 33.53
CA LEU B 267 4.75 -25.47 34.38
C LEU B 267 3.54 -25.13 33.51
N GLY B 268 2.36 -25.41 34.04
CA GLY B 268 1.12 -25.12 33.35
C GLY B 268 0.38 -24.19 34.31
N ASP B 269 0.29 -22.92 33.94
CA ASP B 269 -0.35 -21.93 34.80
C ASP B 269 0.19 -21.96 36.24
N PHE B 270 1.50 -21.85 36.35
CA PHE B 270 2.21 -21.82 37.63
C PHE B 270 2.34 -23.14 38.38
N LYS B 271 1.63 -24.16 37.94
CA LYS B 271 1.69 -25.46 38.60
C LYS B 271 2.46 -26.45 37.72
N PRO B 272 3.13 -27.45 38.32
CA PRO B 272 3.87 -28.41 37.52
C PRO B 272 2.98 -29.05 36.45
N TYR B 273 3.55 -29.33 35.29
CA TYR B 273 2.81 -29.92 34.21
C TYR B 273 3.17 -31.39 33.97
N ARG B 274 2.15 -32.21 33.79
CA ARG B 274 2.34 -33.64 33.55
C ARG B 274 1.66 -33.93 32.22
N PRO B 275 2.40 -34.51 31.28
CA PRO B 275 1.81 -34.83 29.98
C PRO B 275 0.52 -35.64 30.14
N GLY B 276 -0.50 -35.29 29.36
CA GLY B 276 -1.77 -36.00 29.44
C GLY B 276 -2.69 -35.65 30.60
N GLN B 277 -2.28 -34.73 31.47
CA GLN B 277 -3.15 -34.35 32.59
C GLN B 277 -4.45 -33.77 32.03
N ALA B 278 -5.53 -33.96 32.79
CA ALA B 278 -6.86 -33.46 32.40
C ALA B 278 -6.96 -31.94 32.32
N TYR B 279 -6.30 -31.23 33.23
CA TYR B 279 -6.32 -29.76 33.26
C TYR B 279 -5.50 -29.14 32.13
N VAL B 280 -6.19 -28.45 31.22
CA VAL B 280 -5.55 -27.81 30.09
C VAL B 280 -5.11 -26.38 30.43
N PRO B 281 -3.81 -26.15 30.58
CA PRO B 281 -3.26 -24.83 30.90
C PRO B 281 -3.49 -23.81 29.78
N CYS B 282 -3.47 -22.53 30.15
CA CYS B 282 -3.61 -21.48 29.16
C CYS B 282 -2.19 -21.03 28.81
N TYR B 283 -1.24 -21.27 29.72
CA TYR B 283 0.15 -20.92 29.52
C TYR B 283 1.13 -21.99 29.98
N PHE B 284 2.22 -22.10 29.24
CA PHE B 284 3.27 -23.05 29.58
C PHE B 284 4.48 -22.20 29.95
N ILE B 285 5.06 -22.48 31.10
CA ILE B 285 6.23 -21.73 31.52
C ILE B 285 7.40 -22.71 31.61
N HIS B 286 8.42 -22.48 30.77
CA HIS B 286 9.61 -23.33 30.76
C HIS B 286 10.63 -22.74 31.71
N VAL B 287 11.09 -23.59 32.63
CA VAL B 287 12.06 -23.21 33.62
C VAL B 287 13.32 -24.03 33.33
N LEU B 288 14.41 -23.33 33.07
CA LEU B 288 15.65 -24.00 32.73
C LEU B 288 16.79 -23.58 33.62
N LYS B 289 17.46 -24.58 34.16
CA LYS B 289 18.61 -24.39 35.04
C LYS B 289 19.82 -24.77 34.18
N LYS B 290 20.62 -23.76 33.84
CA LYS B 290 21.82 -23.97 33.05
C LYS B 290 22.88 -24.72 33.86
N THR B 291 23.46 -25.76 33.25
CA THR B 291 24.51 -26.55 33.90
C THR B 291 25.71 -25.67 34.25
N GLY B 292 26.35 -25.14 33.22
CA GLY B 292 27.51 -24.29 33.40
C GLY B 292 28.31 -24.07 32.14
N ASP C 2 5.79 -8.84 9.57
CA ASP C 2 4.99 -7.61 9.83
C ASP C 2 4.68 -6.87 8.53
N SER C 3 4.33 -7.63 7.49
CA SER C 3 4.00 -7.06 6.19
C SER C 3 2.52 -7.33 5.90
N VAL C 4 2.14 -7.21 4.63
CA VAL C 4 0.76 -7.44 4.22
C VAL C 4 0.62 -8.56 3.19
N TYR C 5 -0.14 -9.59 3.54
CA TYR C 5 -0.39 -10.72 2.66
C TYR C 5 -1.56 -10.39 1.73
N ARG C 6 -1.41 -10.66 0.44
CA ARG C 6 -2.48 -10.39 -0.52
C ARG C 6 -3.24 -11.66 -0.88
N THR C 7 -4.52 -11.51 -1.20
CA THR C 7 -5.38 -12.61 -1.60
C THR C 7 -4.95 -13.18 -2.95
N ARG C 8 -4.63 -12.29 -3.89
CA ARG C 8 -4.15 -12.69 -5.21
C ARG C 8 -3.11 -11.70 -5.70
N SER C 9 -2.21 -12.19 -6.55
CA SER C 9 -1.12 -11.38 -7.10
C SER C 9 -1.65 -10.22 -7.95
N LEU C 10 -0.92 -9.11 -7.93
CA LEU C 10 -1.31 -7.96 -8.73
C LEU C 10 -1.26 -8.35 -10.20
N GLY C 11 -2.27 -7.92 -10.97
CA GLY C 11 -2.30 -8.24 -12.38
C GLY C 11 -2.82 -9.62 -12.75
N VAL C 12 -3.23 -10.41 -11.77
CA VAL C 12 -3.73 -11.75 -12.08
C VAL C 12 -5.25 -11.78 -12.02
N ALA C 13 -5.86 -12.29 -13.07
CA ALA C 13 -7.31 -12.38 -13.14
C ALA C 13 -7.77 -13.80 -12.82
N ALA C 14 -9.05 -13.92 -12.46
CA ALA C 14 -9.67 -15.19 -12.12
C ALA C 14 -11.08 -15.22 -12.74
N GLU C 15 -11.43 -16.30 -13.44
CA GLU C 15 -12.75 -16.31 -14.06
C GLU C 15 -13.86 -16.21 -13.02
N GLY C 16 -14.89 -15.46 -13.36
CA GLY C 16 -15.99 -15.30 -12.43
C GLY C 16 -15.98 -14.05 -11.55
N ILE C 17 -14.83 -13.37 -11.45
CA ILE C 17 -14.76 -12.16 -10.62
C ILE C 17 -14.15 -10.96 -11.35
N PRO C 18 -14.66 -9.76 -11.09
CA PRO C 18 -14.12 -8.57 -11.75
C PRO C 18 -12.63 -8.41 -11.52
N ASP C 19 -11.92 -7.87 -12.50
CA ASP C 19 -10.49 -7.68 -12.34
C ASP C 19 -10.29 -6.64 -11.23
N GLN C 20 -9.10 -6.64 -10.65
CA GLN C 20 -8.79 -5.72 -9.55
C GLN C 20 -9.04 -4.25 -9.88
N TYR C 21 -9.82 -3.60 -9.01
CA TYR C 21 -10.15 -2.18 -9.12
C TYR C 21 -11.06 -1.80 -10.28
N ALA C 22 -11.46 -2.77 -11.09
CA ALA C 22 -12.30 -2.48 -12.24
C ALA C 22 -13.68 -1.93 -11.84
N ASP C 23 -14.08 -2.17 -10.60
CA ASP C 23 -15.38 -1.73 -10.10
C ASP C 23 -15.32 -0.60 -9.07
N GLY C 24 -14.13 -0.05 -8.85
CA GLY C 24 -13.98 1.02 -7.87
C GLY C 24 -14.65 2.33 -8.25
N GLU C 25 -14.86 3.18 -7.25
CA GLU C 25 -15.51 4.48 -7.47
C GLU C 25 -14.85 5.30 -8.58
N ALA C 26 -13.52 5.34 -8.58
CA ALA C 26 -12.75 6.10 -9.57
C ALA C 26 -12.91 5.54 -10.98
N ALA C 27 -12.87 4.22 -11.10
CA ALA C 27 -13.01 3.58 -12.40
C ALA C 27 -14.35 3.94 -13.05
N ARG C 28 -15.40 4.05 -12.24
CA ARG C 28 -16.75 4.39 -12.72
C ARG C 28 -16.79 5.78 -13.35
N VAL C 29 -16.39 6.78 -12.57
CA VAL C 29 -16.37 8.16 -13.02
C VAL C 29 -15.50 8.26 -14.27
N TRP C 30 -14.38 7.56 -14.25
CA TRP C 30 -13.47 7.55 -15.39
C TRP C 30 -14.15 6.95 -16.61
N GLN C 31 -15.03 5.98 -16.37
CA GLN C 31 -15.76 5.33 -17.46
C GLN C 31 -16.58 6.39 -18.20
N LEU C 32 -17.32 7.18 -17.45
CA LEU C 32 -18.15 8.24 -18.03
C LEU C 32 -17.32 9.24 -18.82
N TYR C 33 -16.13 9.53 -18.31
CA TYR C 33 -15.24 10.48 -18.97
C TYR C 33 -14.83 10.03 -20.38
N ILE C 34 -14.40 8.78 -20.52
CA ILE C 34 -13.98 8.26 -21.83
C ILE C 34 -15.18 7.95 -22.73
N GLY C 35 -16.35 7.82 -22.12
CA GLY C 35 -17.55 7.54 -22.86
C GLY C 35 -18.24 8.79 -23.37
N ASP C 36 -18.22 9.85 -22.55
CA ASP C 36 -18.85 11.10 -22.94
C ASP C 36 -17.85 12.02 -23.64
N THR C 37 -17.02 11.43 -24.48
CA THR C 37 -16.03 12.16 -25.25
C THR C 37 -15.87 11.46 -26.57
N ARG C 38 -16.61 10.38 -26.75
CA ARG C 38 -16.57 9.61 -27.98
C ARG C 38 -17.39 10.33 -29.04
N SER C 39 -17.59 11.63 -28.83
CA SER C 39 -18.33 12.48 -29.75
C SER C 39 -17.48 13.70 -30.10
N ARG C 40 -16.67 13.57 -31.15
CA ARG C 40 -15.79 14.63 -31.61
C ARG C 40 -16.51 15.87 -32.16
N THR C 41 -15.73 16.92 -32.40
CA THR C 41 -16.24 18.18 -32.93
C THR C 41 -16.18 18.21 -34.45
N ALA C 42 -17.09 18.95 -35.07
CA ALA C 42 -17.15 19.06 -36.52
C ALA C 42 -15.90 19.75 -37.09
N GLU C 43 -15.40 20.74 -36.37
CA GLU C 43 -14.21 21.46 -36.80
C GLU C 43 -13.00 20.54 -36.84
N TYR C 44 -12.88 19.69 -35.82
CA TYR C 44 -11.79 18.73 -35.74
C TYR C 44 -11.84 17.80 -36.94
N LYS C 45 -12.96 17.10 -37.10
CA LYS C 45 -13.12 16.17 -38.24
C LYS C 45 -12.77 16.89 -39.52
N ALA C 46 -13.40 18.03 -39.74
CA ALA C 46 -13.16 18.81 -40.93
C ALA C 46 -11.66 18.96 -41.14
N TRP C 47 -10.97 19.42 -40.10
CA TRP C 47 -9.52 19.62 -40.17
C TRP C 47 -8.74 18.34 -40.51
N LEU C 48 -8.99 17.29 -39.74
CA LEU C 48 -8.27 16.03 -39.94
C LEU C 48 -8.45 15.42 -41.33
N LEU C 49 -9.71 15.22 -41.74
CA LEU C 49 -9.97 14.62 -43.04
C LEU C 49 -9.29 15.40 -44.15
N GLY C 50 -9.42 16.73 -44.10
CA GLY C 50 -8.80 17.57 -45.10
C GLY C 50 -7.28 17.45 -45.11
N LEU C 51 -6.69 17.46 -43.93
CA LEU C 51 -5.24 17.35 -43.81
C LEU C 51 -4.70 16.10 -44.50
N LEU C 52 -5.25 14.93 -44.16
CA LEU C 52 -4.77 13.68 -44.74
C LEU C 52 -4.98 13.57 -46.25
N ARG C 53 -6.02 14.23 -46.77
CA ARG C 53 -6.31 14.19 -48.19
C ARG C 53 -5.24 14.91 -49.00
N GLN C 54 -4.96 16.16 -48.64
CA GLN C 54 -3.98 16.98 -49.35
C GLN C 54 -2.55 16.43 -49.35
N HIS C 55 -2.35 15.26 -48.74
CA HIS C 55 -1.02 14.65 -48.69
C HIS C 55 -0.99 13.30 -49.38
N GLY C 56 -2.17 12.81 -49.78
CA GLY C 56 -2.24 11.53 -50.45
C GLY C 56 -1.99 10.37 -49.49
N CYS C 57 -2.72 10.37 -48.38
CA CYS C 57 -2.57 9.34 -47.38
C CYS C 57 -3.76 8.39 -47.38
N HIS C 58 -3.50 7.09 -47.43
CA HIS C 58 -4.58 6.13 -47.37
C HIS C 58 -4.37 5.17 -46.21
N ARG C 59 -3.12 4.72 -46.03
CA ARG C 59 -2.76 3.82 -44.92
C ARG C 59 -2.43 4.66 -43.69
N VAL C 60 -3.30 4.61 -42.69
CA VAL C 60 -3.08 5.37 -41.47
C VAL C 60 -2.83 4.49 -40.27
N LEU C 61 -1.88 4.90 -39.45
CA LEU C 61 -1.57 4.18 -38.22
C LEU C 61 -1.89 5.09 -37.04
N ASP C 62 -2.81 4.66 -36.18
CA ASP C 62 -3.15 5.43 -35.00
C ASP C 62 -2.39 4.77 -33.84
N VAL C 63 -1.33 5.41 -33.36
CA VAL C 63 -0.53 4.84 -32.27
C VAL C 63 -1.04 5.10 -30.85
N ALA C 64 -2.13 5.85 -30.73
CA ALA C 64 -2.73 6.16 -29.43
C ALA C 64 -4.22 5.88 -29.56
N CYS C 65 -4.50 4.73 -30.17
CA CYS C 65 -5.84 4.25 -30.45
C CYS C 65 -6.93 4.57 -29.44
N GLY C 66 -6.70 4.23 -28.18
CA GLY C 66 -7.71 4.50 -27.18
C GLY C 66 -9.00 3.75 -27.50
N THR C 67 -10.14 4.38 -27.27
CA THR C 67 -11.43 3.73 -27.55
C THR C 67 -11.76 3.68 -29.03
N GLY C 68 -10.81 4.09 -29.86
CA GLY C 68 -10.96 4.07 -31.31
C GLY C 68 -11.80 5.12 -31.99
N VAL C 69 -12.26 6.13 -31.25
CA VAL C 69 -13.09 7.16 -31.86
C VAL C 69 -12.46 7.79 -33.10
N ASP C 70 -11.19 8.16 -33.02
CA ASP C 70 -10.51 8.76 -34.17
C ASP C 70 -10.39 7.76 -35.30
N SER C 71 -9.93 6.56 -34.99
CA SER C 71 -9.76 5.52 -35.99
C SER C 71 -11.09 5.20 -36.67
N ILE C 72 -12.15 5.05 -35.87
CA ILE C 72 -13.46 4.74 -36.41
C ILE C 72 -13.86 5.74 -37.49
N MET C 73 -13.56 7.02 -37.25
CA MET C 73 -13.90 8.05 -38.22
C MET C 73 -13.17 7.82 -39.55
N LEU C 74 -11.89 7.48 -39.46
CA LEU C 74 -11.09 7.23 -40.65
C LEU C 74 -11.54 5.96 -41.39
N VAL C 75 -12.00 4.97 -40.65
CA VAL C 75 -12.46 3.73 -41.27
C VAL C 75 -13.71 4.03 -42.10
N GLU C 76 -14.61 4.82 -41.51
CA GLU C 76 -15.83 5.18 -42.19
C GLU C 76 -15.53 6.00 -43.44
N GLU C 77 -14.41 6.69 -43.44
CA GLU C 77 -14.04 7.52 -44.59
C GLU C 77 -13.20 6.82 -45.65
N GLY C 78 -13.13 5.50 -45.59
CA GLY C 78 -12.38 4.77 -46.59
C GLY C 78 -10.88 4.60 -46.41
N PHE C 79 -10.34 5.12 -45.33
CA PHE C 79 -8.90 4.97 -45.09
C PHE C 79 -8.56 3.54 -44.67
N SER C 80 -7.34 3.12 -44.96
CA SER C 80 -6.88 1.80 -44.56
C SER C 80 -6.29 2.06 -43.17
N VAL C 81 -7.03 1.69 -42.14
CA VAL C 81 -6.61 1.94 -40.77
C VAL C 81 -6.06 0.78 -39.95
N THR C 82 -4.98 1.08 -39.22
CA THR C 82 -4.33 0.11 -38.32
C THR C 82 -4.23 0.85 -36.99
N SER C 83 -5.03 0.41 -36.01
CA SER C 83 -5.06 1.03 -34.69
C SER C 83 -4.30 0.24 -33.63
N VAL C 84 -3.52 0.97 -32.85
CA VAL C 84 -2.70 0.39 -31.82
C VAL C 84 -2.68 1.19 -30.50
N ASP C 85 -2.54 0.47 -29.40
CA ASP C 85 -2.45 1.09 -28.08
C ASP C 85 -1.85 0.12 -27.08
N ALA C 86 -1.25 0.68 -26.03
CA ALA C 86 -0.62 -0.12 -24.98
C ALA C 86 -1.64 -0.55 -23.92
N SER C 87 -2.76 0.17 -23.86
CA SER C 87 -3.79 -0.10 -22.87
C SER C 87 -4.90 -1.06 -23.32
N ASP C 88 -4.85 -2.29 -22.82
CA ASP C 88 -5.87 -3.27 -23.17
C ASP C 88 -7.27 -2.84 -22.74
N LYS C 89 -7.36 -2.12 -21.63
CA LYS C 89 -8.65 -1.64 -21.13
C LYS C 89 -9.23 -0.62 -22.10
N MET C 90 -8.36 0.07 -22.83
CA MET C 90 -8.77 1.08 -23.80
C MET C 90 -9.25 0.37 -25.08
N LEU C 91 -8.42 -0.55 -25.56
CA LEU C 91 -8.71 -1.31 -26.77
C LEU C 91 -10.05 -2.06 -26.70
N LYS C 92 -10.43 -2.48 -25.51
CA LYS C 92 -11.67 -3.20 -25.33
C LYS C 92 -12.84 -2.53 -26.02
N TYR C 93 -12.91 -1.22 -25.90
CA TYR C 93 -13.99 -0.45 -26.50
C TYR C 93 -13.89 -0.36 -28.00
N ALA C 94 -12.66 -0.22 -28.49
CA ALA C 94 -12.42 -0.15 -29.93
C ALA C 94 -12.82 -1.48 -30.56
N LEU C 95 -12.35 -2.57 -29.95
CA LEU C 95 -12.63 -3.92 -30.45
C LEU C 95 -14.12 -4.24 -30.46
N LYS C 96 -14.82 -3.77 -29.44
CA LYS C 96 -16.25 -4.02 -29.33
C LYS C 96 -17.02 -3.29 -30.43
N GLU C 97 -16.55 -2.09 -30.79
CA GLU C 97 -17.20 -1.34 -31.84
C GLU C 97 -16.99 -2.02 -33.19
N ARG C 98 -15.78 -2.51 -33.44
CA ARG C 98 -15.47 -3.19 -34.69
C ARG C 98 -16.34 -4.43 -34.84
N TRP C 99 -16.47 -5.21 -33.76
CA TRP C 99 -17.27 -6.42 -33.83
C TRP C 99 -18.73 -6.11 -34.16
N ASN C 100 -19.26 -5.04 -33.58
CA ASN C 100 -20.65 -4.68 -33.85
C ASN C 100 -20.90 -4.20 -35.27
N ARG C 101 -19.86 -3.72 -35.94
CA ARG C 101 -19.99 -3.20 -37.30
C ARG C 101 -19.17 -4.07 -38.24
N ARG C 102 -18.94 -5.29 -37.80
CA ARG C 102 -18.18 -6.28 -38.52
C ARG C 102 -18.76 -6.56 -39.92
N LYS C 103 -20.08 -6.40 -40.07
CA LYS C 103 -20.75 -6.66 -41.34
C LYS C 103 -20.45 -5.65 -42.44
N GLU C 104 -19.97 -4.47 -42.05
CA GLU C 104 -19.60 -3.44 -43.03
C GLU C 104 -18.17 -3.79 -43.46
N PRO C 105 -17.96 -4.03 -44.76
CA PRO C 105 -16.62 -4.37 -45.25
C PRO C 105 -15.48 -3.55 -44.67
N ALA C 106 -15.67 -2.24 -44.57
CA ALA C 106 -14.64 -1.33 -44.07
C ALA C 106 -14.13 -1.74 -42.69
N PHE C 107 -15.05 -2.06 -41.79
CA PHE C 107 -14.62 -2.45 -40.46
C PHE C 107 -14.00 -3.82 -40.40
N ASP C 108 -14.38 -4.72 -41.31
CA ASP C 108 -13.79 -6.03 -41.30
C ASP C 108 -12.30 -5.96 -41.60
N LYS C 109 -11.89 -4.90 -42.29
CA LYS C 109 -10.47 -4.72 -42.64
C LYS C 109 -9.70 -3.87 -41.63
N TRP C 110 -10.41 -3.31 -40.66
CA TRP C 110 -9.78 -2.48 -39.63
C TRP C 110 -8.92 -3.34 -38.70
N VAL C 111 -7.63 -3.04 -38.62
CA VAL C 111 -6.74 -3.80 -37.77
C VAL C 111 -6.49 -3.07 -36.45
N ILE C 112 -6.75 -3.77 -35.34
CA ILE C 112 -6.57 -3.25 -34.00
C ILE C 112 -5.67 -4.21 -33.23
N GLU C 113 -4.52 -3.73 -32.77
CA GLU C 113 -3.57 -4.57 -32.05
C GLU C 113 -3.00 -3.83 -30.84
N GLU C 114 -2.35 -4.58 -29.95
CA GLU C 114 -1.76 -3.97 -28.77
C GLU C 114 -0.28 -3.78 -29.01
N ALA C 115 0.23 -2.57 -28.75
CA ALA C 115 1.65 -2.27 -28.93
C ALA C 115 2.05 -1.09 -28.06
N ASN C 116 3.31 -1.10 -27.63
CA ASN C 116 3.85 -0.09 -26.77
C ASN C 116 4.87 0.78 -27.53
N TRP C 117 4.78 2.10 -27.37
CA TRP C 117 5.71 3.00 -28.04
C TRP C 117 7.18 2.64 -27.82
N LEU C 118 7.51 2.23 -26.60
CA LEU C 118 8.89 1.90 -26.24
C LEU C 118 9.40 0.60 -26.88
N THR C 119 8.51 -0.12 -27.54
CA THR C 119 8.89 -1.36 -28.20
C THR C 119 8.08 -1.50 -29.49
N LEU C 120 7.65 -0.36 -30.01
CA LEU C 120 6.84 -0.30 -31.21
C LEU C 120 7.47 -1.00 -32.41
N ASP C 121 8.80 -1.04 -32.44
CA ASP C 121 9.52 -1.66 -33.54
C ASP C 121 9.25 -3.16 -33.69
N LYS C 122 9.40 -3.91 -32.59
CA LYS C 122 9.16 -5.35 -32.62
C LYS C 122 7.67 -5.68 -32.48
N ASP C 123 6.95 -4.85 -31.73
CA ASP C 123 5.53 -5.06 -31.52
C ASP C 123 4.72 -4.93 -32.80
N VAL C 124 5.11 -4.02 -33.68
CA VAL C 124 4.39 -3.82 -34.93
C VAL C 124 5.27 -3.91 -36.17
N PRO C 125 5.11 -4.99 -36.97
CA PRO C 125 5.91 -5.15 -38.19
C PRO C 125 5.25 -4.39 -39.35
N ALA C 126 5.83 -3.24 -39.68
CA ALA C 126 5.31 -2.39 -40.76
C ALA C 126 6.15 -2.48 -42.02
N GLY C 127 7.46 -2.70 -41.84
CA GLY C 127 8.36 -2.78 -42.96
C GLY C 127 8.37 -1.52 -43.81
N ASP C 128 7.45 -1.45 -44.76
CA ASP C 128 7.33 -0.31 -45.66
C ASP C 128 7.05 0.98 -44.87
N GLY C 129 5.90 1.02 -44.21
CA GLY C 129 5.53 2.20 -43.44
C GLY C 129 4.11 2.63 -43.76
N PHE C 130 3.66 3.72 -43.13
CA PHE C 130 2.32 4.21 -43.37
C PHE C 130 2.36 5.59 -44.01
N ASP C 131 1.28 5.95 -44.69
CA ASP C 131 1.22 7.27 -45.34
C ASP C 131 1.02 8.34 -44.28
N ALA C 132 0.58 7.90 -43.11
CA ALA C 132 0.33 8.80 -42.00
C ALA C 132 0.23 8.07 -40.67
N VAL C 133 0.90 8.62 -39.67
CA VAL C 133 0.90 8.08 -38.33
C VAL C 133 0.28 9.19 -37.52
N ILE C 134 -0.76 8.87 -36.75
CA ILE C 134 -1.45 9.87 -35.95
C ILE C 134 -1.46 9.56 -34.44
N CYS C 135 -1.25 10.60 -33.65
CA CYS C 135 -1.20 10.51 -32.20
C CYS C 135 -1.77 11.82 -31.67
N LEU C 136 -3.10 11.90 -31.62
CA LEU C 136 -3.78 13.10 -31.17
C LEU C 136 -4.40 12.92 -29.78
N GLY C 137 -5.18 13.90 -29.35
CA GLY C 137 -5.80 13.85 -28.04
C GLY C 137 -4.82 14.06 -26.90
N ASN C 138 -3.66 14.62 -27.20
CA ASN C 138 -2.64 14.88 -26.19
C ASN C 138 -2.29 13.60 -25.43
N SER C 139 -2.16 12.49 -26.15
CA SER C 139 -1.85 11.22 -25.52
C SER C 139 -0.38 10.97 -25.24
N PHE C 140 0.50 11.54 -26.03
CA PHE C 140 1.91 11.32 -25.81
C PHE C 140 2.31 11.78 -24.40
N ALA C 141 1.67 12.84 -23.91
CA ALA C 141 1.98 13.40 -22.60
C ALA C 141 1.71 12.41 -21.45
N HIS C 142 1.02 11.32 -21.73
CA HIS C 142 0.76 10.32 -20.70
C HIS C 142 2.06 9.59 -20.30
N LEU C 143 3.02 9.54 -21.23
CA LEU C 143 4.29 8.87 -20.98
C LEU C 143 5.17 9.68 -20.02
N PRO C 144 5.35 9.19 -18.78
CA PRO C 144 6.17 9.92 -17.83
C PRO C 144 7.66 9.81 -18.10
N ASP C 145 8.44 10.55 -17.32
CA ASP C 145 9.89 10.53 -17.44
C ASP C 145 10.48 9.89 -16.19
N SER C 146 10.74 8.59 -16.27
CA SER C 146 11.28 7.82 -15.16
C SER C 146 12.72 8.14 -14.77
N LYS C 147 13.64 8.01 -15.71
CA LYS C 147 15.06 8.27 -15.44
C LYS C 147 15.37 9.75 -15.24
N GLY C 148 14.45 10.61 -15.65
CA GLY C 148 14.66 12.04 -15.49
C GLY C 148 15.45 12.71 -16.60
N ASP C 149 15.87 11.94 -17.59
CA ASP C 149 16.64 12.46 -18.72
C ASP C 149 15.84 12.44 -20.03
N GLN C 150 14.54 12.14 -19.92
CA GLN C 150 13.66 12.08 -21.06
C GLN C 150 14.11 11.08 -22.13
N SER C 151 14.83 10.06 -21.71
CA SER C 151 15.31 9.06 -22.66
C SER C 151 14.14 8.25 -23.21
N GLU C 152 13.16 7.97 -22.35
CA GLU C 152 12.01 7.20 -22.79
C GLU C 152 11.23 7.99 -23.83
N HIS C 153 11.15 9.30 -23.62
CA HIS C 153 10.45 10.18 -24.55
C HIS C 153 11.13 10.08 -25.91
N ARG C 154 12.45 10.12 -25.92
CA ARG C 154 13.24 10.04 -27.15
C ARG C 154 13.01 8.71 -27.87
N LEU C 155 13.03 7.62 -27.10
CA LEU C 155 12.82 6.30 -27.69
C LEU C 155 11.39 6.18 -28.24
N ALA C 156 10.43 6.70 -27.50
CA ALA C 156 9.03 6.64 -27.93
C ALA C 156 8.84 7.37 -29.26
N LEU C 157 9.26 8.63 -29.31
CA LEU C 157 9.14 9.43 -30.52
C LEU C 157 9.92 8.82 -31.67
N LYS C 158 11.08 8.25 -31.37
CA LYS C 158 11.90 7.64 -32.41
C LYS C 158 11.14 6.49 -33.07
N ASN C 159 10.63 5.57 -32.25
CA ASN C 159 9.91 4.44 -32.80
C ASN C 159 8.66 4.87 -33.55
N ILE C 160 7.95 5.88 -33.03
CA ILE C 160 6.75 6.37 -33.69
C ILE C 160 7.09 6.94 -35.06
N ALA C 161 8.23 7.62 -35.16
CA ALA C 161 8.66 8.22 -36.41
C ALA C 161 9.08 7.15 -37.42
N SER C 162 9.74 6.10 -36.95
CA SER C 162 10.18 5.03 -37.82
C SER C 162 9.00 4.32 -38.47
N MET C 163 7.80 4.65 -38.00
CA MET C 163 6.59 4.06 -38.53
C MET C 163 6.09 4.81 -39.75
N VAL C 164 6.59 6.04 -39.95
CA VAL C 164 6.18 6.87 -41.08
C VAL C 164 7.07 6.57 -42.30
N ARG C 165 6.43 6.20 -43.41
CA ARG C 165 7.18 5.89 -44.63
C ARG C 165 7.84 7.15 -45.19
N PRO C 166 8.95 6.99 -45.94
CA PRO C 166 9.62 8.15 -46.52
C PRO C 166 8.60 9.00 -47.29
N GLY C 167 8.59 10.30 -47.02
CA GLY C 167 7.64 11.19 -47.68
C GLY C 167 6.29 11.13 -46.97
N GLY C 168 6.26 10.44 -45.84
CA GLY C 168 5.05 10.29 -45.07
C GLY C 168 4.76 11.42 -44.11
N LEU C 169 3.61 11.34 -43.43
CA LEU C 169 3.16 12.36 -42.51
C LEU C 169 3.02 11.85 -41.07
N LEU C 170 3.34 12.70 -40.09
CA LEU C 170 3.22 12.36 -38.66
C LEU C 170 2.53 13.52 -37.96
N VAL C 171 1.32 13.26 -37.47
CA VAL C 171 0.52 14.28 -36.78
C VAL C 171 0.44 13.95 -35.29
N ILE C 172 1.23 14.65 -34.49
CA ILE C 172 1.29 14.44 -33.05
C ILE C 172 0.98 15.75 -32.34
N ASP C 173 0.27 15.69 -31.22
CA ASP C 173 -0.08 16.92 -30.51
C ASP C 173 0.11 16.86 -28.99
N HIS C 174 -0.16 17.99 -28.34
CA HIS C 174 -0.08 18.10 -26.90
C HIS C 174 -0.77 19.39 -26.45
N ARG C 175 -1.32 19.38 -25.23
CA ARG C 175 -1.98 20.58 -24.74
C ARG C 175 -0.92 21.67 -24.65
N ASN C 176 -1.38 22.89 -24.41
CA ASN C 176 -0.50 24.03 -24.29
C ASN C 176 -0.02 24.11 -22.84
N TYR C 177 1.07 23.44 -22.53
CA TYR C 177 1.58 23.43 -21.16
C TYR C 177 2.39 24.69 -20.77
N ASP C 178 2.95 25.38 -21.76
CA ASP C 178 3.70 26.61 -21.47
C ASP C 178 2.76 27.53 -20.73
N TYR C 179 1.51 27.52 -21.16
CA TYR C 179 0.47 28.33 -20.57
C TYR C 179 -0.08 27.76 -19.26
N ILE C 180 -0.19 26.44 -19.18
CA ILE C 180 -0.70 25.82 -17.96
C ILE C 180 0.31 25.97 -16.84
N LEU C 181 1.59 25.92 -17.18
CA LEU C 181 2.63 26.08 -16.17
C LEU C 181 2.64 27.51 -15.65
N SER C 182 2.36 28.45 -16.55
CA SER C 182 2.33 29.87 -16.22
C SER C 182 1.12 30.25 -15.34
N THR C 183 -0.05 29.72 -15.70
CA THR C 183 -1.27 30.04 -14.95
C THR C 183 -1.54 29.04 -13.83
N GLY C 184 -0.88 27.88 -13.89
CA GLY C 184 -1.07 26.87 -12.88
C GLY C 184 -2.44 26.21 -12.96
N CYS C 185 -3.14 26.46 -14.06
CA CYS C 185 -4.47 25.88 -14.23
C CYS C 185 -4.69 25.38 -15.65
N ALA C 186 -5.45 24.30 -15.77
CA ALA C 186 -5.76 23.73 -17.07
C ALA C 186 -7.26 23.92 -17.27
N PRO C 187 -7.65 24.89 -18.13
CA PRO C 187 -9.06 25.17 -18.40
C PRO C 187 -9.92 23.92 -18.62
N PRO C 188 -10.85 23.68 -17.70
CA PRO C 188 -11.74 22.52 -17.78
C PRO C 188 -12.84 22.71 -18.83
N GLY C 189 -12.79 21.91 -19.89
CA GLY C 189 -13.78 22.01 -20.93
C GLY C 189 -13.26 22.69 -22.19
N LYS C 190 -12.10 23.34 -22.07
CA LYS C 190 -11.50 24.01 -23.22
C LYS C 190 -10.91 22.97 -24.17
N ASN C 191 -11.78 22.30 -24.91
CA ASN C 191 -11.37 21.27 -25.85
C ASN C 191 -11.56 21.83 -27.27
N ILE C 192 -11.33 20.97 -28.26
CA ILE C 192 -11.47 21.36 -29.66
C ILE C 192 -11.69 20.08 -30.46
N TYR C 193 -11.38 18.95 -29.84
CA TYR C 193 -11.52 17.64 -30.47
C TYR C 193 -12.90 17.03 -30.24
N TYR C 194 -13.46 17.26 -29.05
CA TYR C 194 -14.77 16.72 -28.71
C TYR C 194 -15.48 17.62 -27.71
N LYS C 195 -16.77 17.88 -27.94
CA LYS C 195 -17.55 18.72 -27.05
C LYS C 195 -18.10 17.90 -25.89
N SER C 196 -17.53 18.11 -24.71
CA SER C 196 -17.94 17.40 -23.51
C SER C 196 -19.32 17.82 -23.04
N ASP C 197 -20.14 16.84 -22.65
CA ASP C 197 -21.50 17.08 -22.18
C ASP C 197 -21.64 16.69 -20.71
N LEU C 198 -20.51 16.50 -20.05
CA LEU C 198 -20.50 16.13 -18.64
C LEU C 198 -19.97 17.29 -17.80
N THR C 199 -20.56 17.48 -16.63
CA THR C 199 -20.15 18.55 -15.73
C THR C 199 -18.86 18.14 -15.03
N LYS C 200 -17.83 18.96 -15.15
CA LYS C 200 -16.55 18.67 -14.53
C LYS C 200 -15.89 19.82 -13.79
N ASP C 201 -15.34 19.50 -12.63
CA ASP C 201 -14.62 20.44 -11.79
C ASP C 201 -13.20 19.87 -11.79
N ILE C 202 -12.28 20.58 -12.43
CA ILE C 202 -10.90 20.12 -12.51
C ILE C 202 -9.92 20.88 -11.62
N THR C 203 -9.20 20.14 -10.80
CA THR C 203 -8.19 20.71 -9.91
C THR C 203 -6.85 20.41 -10.56
N THR C 204 -6.05 21.45 -10.80
CA THR C 204 -4.75 21.28 -11.44
C THR C 204 -3.56 21.33 -10.47
N SER C 205 -2.71 20.31 -10.54
CA SER C 205 -1.54 20.23 -9.69
C SER C 205 -0.27 20.19 -10.50
N VAL C 206 0.61 21.17 -10.31
CA VAL C 206 1.87 21.19 -11.03
C VAL C 206 2.99 20.84 -10.05
N LEU C 207 3.84 19.89 -10.43
CA LEU C 207 4.95 19.48 -9.58
C LEU C 207 6.27 19.84 -10.23
N THR C 208 7.01 20.71 -9.56
CA THR C 208 8.30 21.16 -10.06
C THR C 208 9.43 20.55 -9.23
N VAL C 209 10.40 19.93 -9.91
CA VAL C 209 11.56 19.34 -9.23
C VAL C 209 12.80 20.14 -9.60
N ASN C 210 13.24 20.99 -8.68
CA ASN C 210 14.40 21.84 -8.90
C ASN C 210 14.07 22.89 -9.96
N ASN C 211 12.90 23.50 -9.81
CA ASN C 211 12.38 24.54 -10.69
C ASN C 211 12.08 24.07 -12.11
N LYS C 212 12.25 22.78 -12.38
CA LYS C 212 11.94 22.25 -13.70
C LYS C 212 10.62 21.50 -13.66
N ALA C 213 9.65 21.93 -14.46
CA ALA C 213 8.34 21.27 -14.52
C ALA C 213 8.59 19.79 -14.70
N HIS C 214 7.88 18.97 -13.93
CA HIS C 214 8.11 17.54 -14.00
C HIS C 214 6.82 16.76 -14.24
N MET C 215 5.72 17.31 -13.74
CA MET C 215 4.46 16.63 -13.87
C MET C 215 3.26 17.45 -13.48
N VAL C 216 2.20 17.31 -14.28
CA VAL C 216 0.93 17.98 -14.05
C VAL C 216 -0.05 16.84 -13.77
N THR C 217 -0.82 17.00 -12.70
CA THR C 217 -1.80 16.01 -12.29
C THR C 217 -3.18 16.65 -12.31
N LEU C 218 -4.17 15.92 -12.84
CA LEU C 218 -5.52 16.45 -12.92
C LEU C 218 -6.51 15.64 -12.13
N ASP C 219 -7.24 16.32 -11.25
CA ASP C 219 -8.25 15.69 -10.44
C ASP C 219 -9.62 16.03 -11.03
N TYR C 220 -10.20 15.09 -11.76
CA TYR C 220 -11.50 15.30 -12.37
C TYR C 220 -12.57 14.89 -11.37
N THR C 221 -13.51 15.80 -11.10
CA THR C 221 -14.59 15.53 -10.16
C THR C 221 -15.94 15.64 -10.86
N VAL C 222 -16.87 14.76 -10.48
CA VAL C 222 -18.21 14.77 -11.04
C VAL C 222 -19.19 14.51 -9.91
N GLN C 223 -20.47 14.84 -10.12
CA GLN C 223 -21.47 14.62 -9.09
C GLN C 223 -22.09 13.23 -9.24
N PHE C 235 -19.32 14.27 -6.34
CA PHE C 235 -19.19 13.32 -5.19
C PHE C 235 -18.00 12.36 -5.35
N SER C 236 -17.77 11.90 -6.59
CA SER C 236 -16.66 10.98 -6.86
C SER C 236 -15.60 11.62 -7.76
N LYS C 237 -14.37 11.12 -7.67
CA LYS C 237 -13.29 11.70 -8.46
C LYS C 237 -12.16 10.73 -8.83
N PHE C 238 -11.49 11.02 -9.94
CA PHE C 238 -10.37 10.21 -10.40
C PHE C 238 -9.27 11.16 -10.86
N ARG C 239 -8.06 10.65 -11.03
CA ARG C 239 -6.96 11.49 -11.47
C ARG C 239 -6.03 10.81 -12.45
N LEU C 240 -5.41 11.64 -13.29
CA LEU C 240 -4.46 11.24 -14.33
C LEU C 240 -3.30 12.23 -14.30
N SER C 241 -2.11 11.80 -14.72
CA SER C 241 -0.95 12.69 -14.73
C SER C 241 -0.40 12.85 -16.12
N TYR C 242 0.30 13.95 -16.35
CA TYR C 242 0.85 14.25 -17.66
C TYR C 242 2.24 14.85 -17.55
N TYR C 243 3.08 14.62 -18.57
CA TYR C 243 4.39 15.24 -18.59
C TYR C 243 4.12 16.53 -19.36
N PRO C 244 4.25 17.69 -18.69
CA PRO C 244 4.03 19.01 -19.27
C PRO C 244 5.03 19.44 -20.34
N HIS C 245 4.79 19.03 -21.57
CA HIS C 245 5.68 19.38 -22.68
C HIS C 245 5.52 20.84 -23.12
N CYS C 246 6.63 21.56 -23.22
CA CYS C 246 6.61 22.95 -23.67
C CYS C 246 6.91 22.98 -25.16
N LEU C 247 6.19 23.81 -25.90
CA LEU C 247 6.35 23.90 -27.34
C LEU C 247 7.80 23.84 -27.81
N ALA C 248 8.66 24.65 -27.21
CA ALA C 248 10.07 24.69 -27.60
C ALA C 248 10.79 23.37 -27.52
N SER C 249 10.77 22.73 -26.34
CA SER C 249 11.46 21.45 -26.18
C SER C 249 10.82 20.34 -26.99
N PHE C 250 9.49 20.33 -27.04
CA PHE C 250 8.79 19.30 -27.80
C PHE C 250 9.17 19.44 -29.27
N THR C 251 9.18 20.68 -29.75
CA THR C 251 9.51 20.93 -31.14
C THR C 251 10.87 20.35 -31.55
N GLU C 252 11.87 20.41 -30.67
CA GLU C 252 13.17 19.85 -31.02
C GLU C 252 13.17 18.35 -30.78
N LEU C 253 12.33 17.92 -29.84
CA LEU C 253 12.22 16.50 -29.49
C LEU C 253 11.65 15.68 -30.65
N VAL C 254 10.58 16.18 -31.27
CA VAL C 254 9.97 15.45 -32.36
C VAL C 254 10.83 15.51 -33.63
N GLN C 255 11.62 16.56 -33.77
CA GLN C 255 12.48 16.68 -34.94
C GLN C 255 13.69 15.77 -34.85
N GLU C 256 14.27 15.64 -33.66
CA GLU C 256 15.43 14.77 -33.48
C GLU C 256 15.02 13.31 -33.59
N ALA C 257 13.70 13.06 -33.58
CA ALA C 257 13.17 11.71 -33.70
C ALA C 257 13.44 11.21 -35.11
N PHE C 258 13.47 12.15 -36.05
CA PHE C 258 13.73 11.85 -37.44
C PHE C 258 15.21 12.09 -37.70
N GLY C 259 15.76 13.08 -36.99
CA GLY C 259 17.16 13.42 -37.15
C GLY C 259 17.27 14.78 -37.81
N GLY C 260 16.13 15.27 -38.29
CA GLY C 260 16.11 16.56 -38.95
C GLY C 260 15.59 16.44 -40.36
N ARG C 261 15.53 15.20 -40.85
CA ARG C 261 15.05 14.94 -42.20
C ARG C 261 13.53 14.98 -42.23
N CYS C 262 12.96 16.18 -42.13
CA CYS C 262 11.52 16.36 -42.14
C CYS C 262 11.17 17.83 -42.28
N GLN C 263 9.89 18.10 -42.44
CA GLN C 263 9.41 19.46 -42.58
C GLN C 263 8.43 19.73 -41.44
N HIS C 264 8.95 20.25 -40.33
CA HIS C 264 8.14 20.53 -39.17
C HIS C 264 7.16 21.66 -39.49
N SER C 265 6.09 21.73 -38.71
CA SER C 265 5.06 22.75 -38.90
C SER C 265 4.18 22.70 -37.66
N VAL C 266 3.76 23.85 -37.15
CA VAL C 266 2.93 23.83 -35.95
C VAL C 266 1.61 24.56 -36.05
N LEU C 267 0.57 23.90 -35.56
CA LEU C 267 -0.77 24.46 -35.57
C LEU C 267 -1.22 24.76 -34.15
N GLY C 268 -2.16 25.68 -34.00
CA GLY C 268 -2.68 26.03 -32.70
C GLY C 268 -4.20 25.94 -32.79
N ASP C 269 -4.75 24.80 -32.36
CA ASP C 269 -6.19 24.57 -32.43
C ASP C 269 -6.63 24.56 -33.90
N PHE C 270 -5.87 23.84 -34.74
CA PHE C 270 -6.16 23.68 -36.17
C PHE C 270 -5.65 24.80 -37.08
N LYS C 271 -5.54 26.00 -36.54
CA LYS C 271 -5.04 27.13 -37.33
C LYS C 271 -3.52 27.21 -37.16
N PRO C 272 -2.79 27.53 -38.24
CA PRO C 272 -1.33 27.62 -38.14
C PRO C 272 -0.87 28.58 -37.04
N TYR C 273 0.16 28.16 -36.30
CA TYR C 273 0.69 28.95 -35.21
C TYR C 273 1.78 29.92 -35.66
N ARG C 274 1.65 31.16 -35.22
CA ARG C 274 2.61 32.20 -35.57
C ARG C 274 3.25 32.72 -34.29
N PRO C 275 4.54 32.41 -34.08
CA PRO C 275 5.22 32.89 -32.86
C PRO C 275 4.98 34.39 -32.66
N GLY C 276 4.49 34.77 -31.48
CA GLY C 276 4.21 36.17 -31.22
C GLY C 276 2.71 36.38 -31.17
N GLN C 277 2.01 35.65 -32.04
CA GLN C 277 0.56 35.65 -32.16
C GLN C 277 -0.15 35.95 -30.83
N ALA C 278 -1.27 36.67 -30.89
CA ALA C 278 -2.01 37.02 -29.67
C ALA C 278 -2.89 35.92 -29.12
N TYR C 279 -3.43 35.10 -30.01
CA TYR C 279 -4.32 34.00 -29.60
C TYR C 279 -3.57 32.88 -28.87
N VAL C 280 -4.08 32.51 -27.70
CA VAL C 280 -3.46 31.44 -26.92
C VAL C 280 -4.14 30.10 -27.24
N PRO C 281 -3.47 29.23 -28.02
CA PRO C 281 -4.04 27.93 -28.38
C PRO C 281 -4.28 27.03 -27.16
N CYS C 282 -5.12 26.02 -27.32
CA CYS C 282 -5.36 25.08 -26.24
C CYS C 282 -4.46 23.89 -26.49
N TYR C 283 -4.21 23.60 -27.76
CA TYR C 283 -3.36 22.49 -28.17
C TYR C 283 -2.45 22.92 -29.31
N PHE C 284 -1.32 22.25 -29.41
CA PHE C 284 -0.36 22.50 -30.47
C PHE C 284 -0.26 21.20 -31.24
N ILE C 285 -0.57 21.25 -32.53
CA ILE C 285 -0.49 20.06 -33.36
C ILE C 285 0.71 20.17 -34.27
N HIS C 286 1.66 19.25 -34.10
CA HIS C 286 2.87 19.25 -34.91
C HIS C 286 2.70 18.33 -36.12
N VAL C 287 2.73 18.90 -37.31
CA VAL C 287 2.62 18.12 -38.54
C VAL C 287 3.98 18.09 -39.20
N LEU C 288 4.65 16.95 -39.12
CA LEU C 288 5.98 16.80 -39.71
C LEU C 288 5.89 15.91 -40.93
N LYS C 289 6.53 16.33 -42.01
CA LYS C 289 6.52 15.53 -43.24
C LYS C 289 7.91 14.97 -43.49
N LYS C 290 8.06 13.69 -43.18
CA LYS C 290 9.32 12.98 -43.35
C LYS C 290 9.83 13.16 -44.77
N THR C 291 11.13 13.35 -44.91
CA THR C 291 11.75 13.53 -46.22
C THR C 291 12.56 12.28 -46.55
N GLY C 292 13.72 12.17 -45.93
CA GLY C 292 14.58 11.02 -46.15
C GLY C 292 14.16 9.88 -45.26
N VAL D 1 1.16 14.60 8.52
CA VAL D 1 -0.09 14.22 7.78
C VAL D 1 0.23 13.19 6.71
N ASP D 2 0.37 11.94 7.15
CA ASP D 2 0.67 10.85 6.22
C ASP D 2 -0.52 10.55 5.33
N SER D 3 -0.24 10.30 4.05
CA SER D 3 -1.29 10.00 3.07
C SER D 3 -0.63 9.62 1.75
N VAL D 4 -1.17 8.59 1.11
CA VAL D 4 -0.64 8.12 -0.16
C VAL D 4 -1.11 8.94 -1.36
N TYR D 5 -0.15 9.45 -2.12
CA TYR D 5 -0.41 10.26 -3.30
C TYR D 5 -0.37 9.30 -4.51
N ARG D 6 -1.17 9.58 -5.53
CA ARG D 6 -1.22 8.73 -6.70
C ARG D 6 -0.98 9.49 -7.99
N THR D 7 -0.30 8.84 -8.92
CA THR D 7 -0.07 9.45 -10.23
C THR D 7 -1.40 9.36 -10.95
N ARG D 8 -2.02 8.18 -10.89
CA ARG D 8 -3.31 7.95 -11.53
C ARG D 8 -4.17 7.08 -10.61
N SER D 9 -5.47 7.32 -10.62
CA SER D 9 -6.37 6.55 -9.78
C SER D 9 -6.29 5.07 -10.12
N LEU D 10 -6.65 4.23 -9.16
CA LEU D 10 -6.66 2.80 -9.36
C LEU D 10 -7.80 2.44 -10.31
N GLY D 11 -7.51 1.57 -11.28
CA GLY D 11 -8.53 1.16 -12.23
C GLY D 11 -8.73 2.11 -13.39
N VAL D 12 -7.87 3.11 -13.50
CA VAL D 12 -7.95 4.07 -14.58
C VAL D 12 -6.85 3.81 -15.59
N ALA D 13 -7.18 3.94 -16.87
CA ALA D 13 -6.22 3.71 -17.93
C ALA D 13 -5.99 5.00 -18.71
N ALA D 14 -4.95 4.98 -19.54
CA ALA D 14 -4.58 6.11 -20.38
C ALA D 14 -3.90 5.57 -21.63
N GLU D 15 -4.32 6.04 -22.79
CA GLU D 15 -3.75 5.55 -24.02
C GLU D 15 -2.26 5.78 -24.10
N GLY D 16 -1.55 4.82 -24.68
CA GLY D 16 -0.12 4.95 -24.82
C GLY D 16 0.69 4.34 -23.70
N ILE D 17 0.04 3.98 -22.60
CA ILE D 17 0.75 3.38 -21.49
C ILE D 17 0.08 2.09 -20.99
N PRO D 18 0.89 1.09 -20.59
CA PRO D 18 0.36 -0.19 -20.10
C PRO D 18 -0.53 0.04 -18.90
N ASP D 19 -1.54 -0.81 -18.73
CA ASP D 19 -2.47 -0.65 -17.61
C ASP D 19 -1.83 -0.99 -16.27
N GLN D 20 -2.44 -0.48 -15.21
CA GLN D 20 -2.01 -0.67 -13.83
C GLN D 20 -0.80 -1.55 -13.56
N TYR D 21 -1.02 -2.87 -13.46
CA TYR D 21 0.08 -3.80 -13.17
C TYR D 21 0.15 -4.95 -14.16
N ALA D 22 -0.05 -4.65 -15.44
CA ALA D 22 -0.05 -5.68 -16.48
C ALA D 22 1.28 -6.36 -16.77
N ASP D 23 2.39 -5.71 -16.44
CA ASP D 23 3.70 -6.28 -16.73
C ASP D 23 4.51 -6.77 -15.54
N GLY D 24 3.91 -6.81 -14.36
CA GLY D 24 4.63 -7.28 -13.19
C GLY D 24 5.14 -8.70 -13.38
N GLU D 25 6.03 -9.14 -12.49
CA GLU D 25 6.57 -10.49 -12.59
C GLU D 25 5.46 -11.53 -12.40
N ALA D 26 4.59 -11.31 -11.42
CA ALA D 26 3.50 -12.23 -11.13
C ALA D 26 2.54 -12.35 -12.30
N ALA D 27 2.17 -11.22 -12.89
CA ALA D 27 1.27 -11.23 -14.02
C ALA D 27 1.88 -11.94 -15.22
N ARG D 28 3.21 -11.88 -15.36
CA ARG D 28 3.85 -12.52 -16.49
C ARG D 28 3.89 -14.03 -16.32
N VAL D 29 4.10 -14.50 -15.08
CA VAL D 29 4.15 -15.94 -14.85
C VAL D 29 2.75 -16.49 -15.08
N TRP D 30 1.79 -15.80 -14.49
CA TRP D 30 0.39 -16.16 -14.61
C TRP D 30 -0.04 -16.26 -16.07
N GLN D 31 0.44 -15.34 -16.91
CA GLN D 31 0.12 -15.39 -18.34
C GLN D 31 0.67 -16.68 -18.96
N LEU D 32 1.88 -17.07 -18.58
CA LEU D 32 2.46 -18.32 -19.10
C LEU D 32 1.58 -19.48 -18.66
N TYR D 33 1.02 -19.35 -17.46
CA TYR D 33 0.17 -20.38 -16.91
C TYR D 33 -1.09 -20.60 -17.74
N ILE D 34 -1.84 -19.54 -17.99
CA ILE D 34 -3.06 -19.67 -18.80
C ILE D 34 -2.72 -20.13 -20.22
N GLY D 35 -1.51 -19.82 -20.66
CA GLY D 35 -1.08 -20.23 -22.00
C GLY D 35 -0.84 -21.74 -22.08
N ASP D 36 -0.38 -22.32 -20.99
CA ASP D 36 -0.11 -23.75 -20.92
C ASP D 36 -1.34 -24.53 -20.44
N THR D 37 -2.48 -23.87 -20.39
CA THR D 37 -3.72 -24.50 -19.95
C THR D 37 -4.76 -24.46 -21.05
N ARG D 38 -4.42 -23.84 -22.17
CA ARG D 38 -5.33 -23.72 -23.30
C ARG D 38 -5.66 -25.05 -23.97
N SER D 39 -5.30 -26.15 -23.34
CA SER D 39 -5.55 -27.48 -23.90
C SER D 39 -6.21 -28.41 -22.91
N ARG D 40 -7.23 -29.13 -23.34
CA ARG D 40 -7.92 -30.07 -22.47
C ARG D 40 -7.48 -31.49 -22.80
N THR D 41 -7.67 -32.42 -21.86
CA THR D 41 -7.30 -33.81 -22.09
C THR D 41 -8.43 -34.43 -22.92
N ALA D 42 -8.09 -35.44 -23.73
CA ALA D 42 -9.09 -36.09 -24.56
C ALA D 42 -10.26 -36.58 -23.70
N GLU D 43 -9.93 -37.12 -22.53
CA GLU D 43 -10.91 -37.64 -21.58
C GLU D 43 -11.90 -36.60 -21.08
N TYR D 44 -11.44 -35.36 -20.92
CA TYR D 44 -12.30 -34.28 -20.47
C TYR D 44 -13.29 -33.94 -21.57
N LYS D 45 -12.77 -33.78 -22.78
CA LYS D 45 -13.59 -33.45 -23.94
C LYS D 45 -14.65 -34.50 -24.20
N ALA D 46 -14.23 -35.76 -24.20
CA ALA D 46 -15.16 -36.85 -24.49
C ALA D 46 -16.27 -36.87 -23.45
N TRP D 47 -15.90 -36.62 -22.20
CA TRP D 47 -16.88 -36.60 -21.12
C TRP D 47 -17.87 -35.46 -21.28
N LEU D 48 -17.37 -34.26 -21.57
CA LEU D 48 -18.25 -33.10 -21.71
C LEU D 48 -19.16 -33.18 -22.93
N LEU D 49 -18.61 -33.60 -24.06
CA LEU D 49 -19.42 -33.71 -25.26
C LEU D 49 -20.44 -34.82 -25.01
N GLY D 50 -19.97 -35.91 -24.41
CA GLY D 50 -20.85 -37.03 -24.12
C GLY D 50 -22.04 -36.62 -23.26
N LEU D 51 -21.78 -35.85 -22.21
CA LEU D 51 -22.85 -35.42 -21.33
C LEU D 51 -23.85 -34.51 -22.06
N LEU D 52 -23.36 -33.55 -22.84
CA LEU D 52 -24.23 -32.65 -23.57
C LEU D 52 -25.08 -33.37 -24.60
N ARG D 53 -24.47 -34.28 -25.36
CA ARG D 53 -25.21 -35.04 -26.36
C ARG D 53 -26.24 -35.93 -25.66
N GLN D 54 -25.84 -36.58 -24.58
CA GLN D 54 -26.72 -37.47 -23.81
C GLN D 54 -28.01 -36.81 -23.32
N HIS D 55 -28.05 -35.49 -23.28
CA HIS D 55 -29.26 -34.78 -22.85
C HIS D 55 -29.79 -33.94 -24.02
N GLY D 56 -29.20 -34.14 -25.20
CA GLY D 56 -29.63 -33.40 -26.37
C GLY D 56 -29.62 -31.90 -26.20
N CYS D 57 -28.50 -31.36 -25.75
CA CYS D 57 -28.38 -29.92 -25.53
C CYS D 57 -27.93 -29.20 -26.78
N HIS D 58 -28.53 -28.04 -27.04
CA HIS D 58 -28.12 -27.27 -28.21
C HIS D 58 -27.67 -25.86 -27.82
N ARG D 59 -28.48 -25.16 -27.04
CA ARG D 59 -28.09 -23.81 -26.61
C ARG D 59 -27.35 -23.92 -25.29
N VAL D 60 -26.08 -23.52 -25.32
CA VAL D 60 -25.24 -23.60 -24.16
C VAL D 60 -24.72 -22.27 -23.64
N LEU D 61 -24.78 -22.12 -22.33
CA LEU D 61 -24.29 -20.93 -21.67
C LEU D 61 -23.07 -21.27 -20.82
N ASP D 62 -21.91 -20.73 -21.16
CA ASP D 62 -20.71 -20.98 -20.37
C ASP D 62 -20.53 -19.75 -19.48
N VAL D 63 -20.91 -19.85 -18.21
CA VAL D 63 -20.80 -18.71 -17.29
C VAL D 63 -19.43 -18.36 -16.71
N ALA D 64 -18.43 -19.21 -16.96
CA ALA D 64 -17.07 -18.97 -16.47
C ALA D 64 -16.16 -19.10 -17.68
N CYS D 65 -16.51 -18.38 -18.74
CA CYS D 65 -15.80 -18.44 -19.99
C CYS D 65 -14.29 -18.42 -19.95
N GLY D 66 -13.70 -17.55 -19.14
CA GLY D 66 -12.25 -17.48 -19.08
C GLY D 66 -11.68 -17.16 -20.46
N THR D 67 -10.61 -17.84 -20.83
CA THR D 67 -10.02 -17.60 -22.14
C THR D 67 -10.83 -18.25 -23.25
N GLY D 68 -11.87 -19.00 -22.89
CA GLY D 68 -12.74 -19.61 -23.88
C GLY D 68 -12.45 -20.99 -24.43
N VAL D 69 -11.48 -21.69 -23.86
CA VAL D 69 -11.14 -23.03 -24.34
C VAL D 69 -12.33 -23.97 -24.50
N ASP D 70 -13.10 -24.16 -23.44
CA ASP D 70 -14.26 -25.04 -23.50
C ASP D 70 -15.28 -24.51 -24.49
N SER D 71 -15.51 -23.20 -24.46
CA SER D 71 -16.45 -22.59 -25.37
C SER D 71 -16.07 -22.89 -26.81
N ILE D 72 -14.79 -22.68 -27.15
CA ILE D 72 -14.31 -22.92 -28.52
C ILE D 72 -14.60 -24.34 -28.97
N MET D 73 -14.38 -25.30 -28.08
CA MET D 73 -14.65 -26.70 -28.41
C MET D 73 -16.11 -26.82 -28.81
N LEU D 74 -17.00 -26.32 -27.95
CA LEU D 74 -18.42 -26.38 -28.22
C LEU D 74 -18.81 -25.68 -29.52
N VAL D 75 -18.20 -24.54 -29.83
CA VAL D 75 -18.52 -23.84 -31.06
C VAL D 75 -18.20 -24.76 -32.24
N GLU D 76 -17.02 -25.36 -32.21
CA GLU D 76 -16.59 -26.28 -33.26
C GLU D 76 -17.49 -27.52 -33.43
N GLU D 77 -18.03 -28.04 -32.33
CA GLU D 77 -18.90 -29.22 -32.39
C GLU D 77 -20.34 -28.89 -32.78
N GLY D 78 -20.58 -27.64 -33.17
CA GLY D 78 -21.91 -27.25 -33.61
C GLY D 78 -22.95 -26.74 -32.63
N PHE D 79 -22.56 -26.52 -31.38
CA PHE D 79 -23.55 -26.01 -30.43
C PHE D 79 -23.76 -24.52 -30.62
N SER D 80 -24.86 -24.00 -30.09
CA SER D 80 -25.15 -22.57 -30.13
C SER D 80 -24.59 -22.12 -28.78
N VAL D 81 -23.48 -21.39 -28.81
CA VAL D 81 -22.81 -20.97 -27.59
C VAL D 81 -22.82 -19.50 -27.23
N THR D 82 -23.05 -19.22 -25.96
CA THR D 82 -23.00 -17.86 -25.45
C THR D 82 -22.01 -17.98 -24.28
N SER D 83 -20.93 -17.21 -24.36
CA SER D 83 -19.90 -17.26 -23.34
C SER D 83 -19.83 -15.95 -22.59
N VAL D 84 -19.73 -16.05 -21.28
CA VAL D 84 -19.73 -14.86 -20.48
C VAL D 84 -18.74 -14.99 -19.33
N ASP D 85 -18.17 -13.87 -18.93
CA ASP D 85 -17.25 -13.86 -17.80
C ASP D 85 -17.23 -12.46 -17.20
N ALA D 86 -16.78 -12.35 -15.98
CA ALA D 86 -16.71 -11.05 -15.34
C ALA D 86 -15.32 -10.43 -15.52
N SER D 87 -14.35 -11.25 -15.91
CA SER D 87 -12.98 -10.77 -16.10
C SER D 87 -12.66 -10.34 -17.53
N ASP D 88 -12.47 -9.04 -17.72
CA ASP D 88 -12.13 -8.51 -19.04
C ASP D 88 -10.75 -8.99 -19.49
N LYS D 89 -9.83 -9.15 -18.54
CA LYS D 89 -8.48 -9.60 -18.87
C LYS D 89 -8.49 -10.97 -19.53
N MET D 90 -9.35 -11.85 -19.06
CA MET D 90 -9.44 -13.19 -19.63
C MET D 90 -10.33 -13.27 -20.88
N LEU D 91 -11.38 -12.46 -20.91
CA LEU D 91 -12.32 -12.43 -22.02
C LEU D 91 -11.60 -11.96 -23.28
N LYS D 92 -10.55 -11.18 -23.07
CA LYS D 92 -9.74 -10.64 -24.15
C LYS D 92 -9.19 -11.74 -25.06
N TYR D 93 -8.78 -12.86 -24.49
CA TYR D 93 -8.23 -13.97 -25.29
C TYR D 93 -9.32 -14.68 -26.08
N ALA D 94 -10.52 -14.79 -25.51
CA ALA D 94 -11.64 -15.44 -26.21
C ALA D 94 -12.09 -14.56 -27.39
N LEU D 95 -12.16 -13.25 -27.16
CA LEU D 95 -12.57 -12.32 -28.21
C LEU D 95 -11.54 -12.32 -29.35
N LYS D 96 -10.27 -12.37 -28.98
CA LYS D 96 -9.20 -12.41 -29.98
C LYS D 96 -9.39 -13.64 -30.88
N GLU D 97 -9.61 -14.79 -30.25
CA GLU D 97 -9.79 -16.05 -30.97
C GLU D 97 -10.98 -15.97 -31.92
N ARG D 98 -12.11 -15.48 -31.44
CA ARG D 98 -13.29 -15.37 -32.28
C ARG D 98 -13.03 -14.49 -33.50
N TRP D 99 -12.29 -13.42 -33.31
CA TRP D 99 -12.00 -12.52 -34.42
C TRP D 99 -11.14 -13.17 -35.49
N ASN D 100 -10.14 -13.95 -35.09
CA ASN D 100 -9.29 -14.63 -36.06
C ASN D 100 -10.02 -15.69 -36.84
N ARG D 101 -11.06 -16.26 -36.26
CA ARG D 101 -11.82 -17.32 -36.92
C ARG D 101 -13.18 -16.83 -37.37
N ARG D 102 -13.33 -15.51 -37.41
CA ARG D 102 -14.58 -14.85 -37.79
C ARG D 102 -15.17 -15.28 -39.12
N LYS D 103 -14.33 -15.76 -40.02
CA LYS D 103 -14.80 -16.18 -41.34
C LYS D 103 -15.57 -17.50 -41.29
N GLU D 104 -15.26 -18.33 -40.30
CA GLU D 104 -15.98 -19.59 -40.14
C GLU D 104 -17.36 -19.22 -39.59
N PRO D 105 -18.43 -19.58 -40.31
CA PRO D 105 -19.81 -19.29 -39.90
C PRO D 105 -20.17 -19.56 -38.44
N ALA D 106 -19.64 -20.65 -37.86
CA ALA D 106 -19.95 -21.00 -36.47
C ALA D 106 -19.41 -19.97 -35.48
N PHE D 107 -18.20 -19.47 -35.71
CA PHE D 107 -17.60 -18.49 -34.83
C PHE D 107 -18.23 -17.12 -34.98
N ASP D 108 -18.74 -16.80 -36.16
CA ASP D 108 -19.36 -15.51 -36.35
C ASP D 108 -20.63 -15.46 -35.52
N LYS D 109 -21.11 -16.65 -35.13
CA LYS D 109 -22.35 -16.76 -34.36
C LYS D 109 -22.10 -17.00 -32.87
N TRP D 110 -20.83 -16.99 -32.47
CA TRP D 110 -20.46 -17.20 -31.07
C TRP D 110 -20.63 -15.89 -30.27
N VAL D 111 -21.53 -15.91 -29.28
CA VAL D 111 -21.81 -14.75 -28.44
C VAL D 111 -20.91 -14.70 -27.19
N ILE D 112 -20.18 -13.61 -27.03
CA ILE D 112 -19.29 -13.41 -25.88
C ILE D 112 -19.64 -12.05 -25.25
N GLU D 113 -19.89 -12.00 -23.95
CA GLU D 113 -20.24 -10.74 -23.33
C GLU D 113 -19.73 -10.71 -21.90
N GLU D 114 -19.66 -9.51 -21.34
CA GLU D 114 -19.22 -9.35 -19.95
C GLU D 114 -20.44 -9.53 -19.05
N ALA D 115 -20.32 -10.30 -17.99
CA ALA D 115 -21.43 -10.51 -17.05
C ALA D 115 -20.90 -11.02 -15.75
N ASN D 116 -21.57 -10.62 -14.67
CA ASN D 116 -21.19 -11.00 -13.32
C ASN D 116 -22.26 -11.93 -12.75
N TRP D 117 -21.85 -13.02 -12.13
CA TRP D 117 -22.79 -13.97 -11.55
C TRP D 117 -23.80 -13.26 -10.63
N LEU D 118 -23.33 -12.24 -9.91
CA LEU D 118 -24.16 -11.52 -8.96
C LEU D 118 -25.26 -10.66 -9.61
N THR D 119 -25.09 -10.37 -10.89
CA THR D 119 -26.06 -9.56 -11.62
C THR D 119 -26.32 -10.22 -12.96
N LEU D 120 -26.17 -11.53 -13.00
CA LEU D 120 -26.36 -12.31 -14.21
C LEU D 120 -27.73 -12.09 -14.82
N ASP D 121 -28.73 -12.01 -13.96
CA ASP D 121 -30.12 -11.79 -14.35
C ASP D 121 -30.31 -10.62 -15.34
N LYS D 122 -29.60 -9.51 -15.11
CA LYS D 122 -29.72 -8.34 -15.97
C LYS D 122 -28.60 -8.17 -16.99
N ASP D 123 -27.43 -8.73 -16.70
CA ASP D 123 -26.29 -8.61 -17.61
C ASP D 123 -26.52 -9.38 -18.89
N VAL D 124 -27.34 -10.42 -18.82
CA VAL D 124 -27.62 -11.23 -20.00
C VAL D 124 -29.12 -11.49 -20.16
N PRO D 125 -29.62 -11.40 -21.40
CA PRO D 125 -31.04 -11.61 -21.72
C PRO D 125 -31.43 -13.09 -21.54
N ALA D 126 -32.21 -13.37 -20.50
CA ALA D 126 -32.64 -14.73 -20.22
C ALA D 126 -34.12 -14.94 -20.54
N GLY D 127 -34.87 -15.46 -19.56
CA GLY D 127 -36.28 -15.70 -19.75
C GLY D 127 -36.50 -17.04 -20.44
N ASP D 128 -36.06 -17.13 -21.69
CA ASP D 128 -36.19 -18.36 -22.48
C ASP D 128 -35.48 -19.52 -21.77
N GLY D 129 -34.18 -19.34 -21.50
CA GLY D 129 -33.40 -20.37 -20.83
C GLY D 129 -32.46 -21.10 -21.76
N PHE D 130 -31.43 -21.71 -21.21
CA PHE D 130 -30.48 -22.45 -22.03
C PHE D 130 -30.65 -23.93 -21.74
N ASP D 131 -30.31 -24.76 -22.73
CA ASP D 131 -30.40 -26.22 -22.60
C ASP D 131 -29.42 -26.67 -21.53
N ALA D 132 -28.22 -26.07 -21.54
CA ALA D 132 -27.20 -26.41 -20.58
C ALA D 132 -26.38 -25.21 -20.15
N VAL D 133 -26.10 -25.13 -18.86
CA VAL D 133 -25.29 -24.06 -18.31
C VAL D 133 -24.07 -24.72 -17.70
N ILE D 134 -22.87 -24.33 -18.13
CA ILE D 134 -21.65 -24.92 -17.59
C ILE D 134 -20.78 -23.93 -16.83
N CYS D 135 -20.30 -24.36 -15.66
CA CYS D 135 -19.42 -23.56 -14.84
C CYS D 135 -18.36 -24.54 -14.33
N LEU D 136 -17.37 -24.81 -15.19
CA LEU D 136 -16.29 -25.76 -14.89
C LEU D 136 -14.92 -25.15 -14.64
N GLY D 137 -13.97 -26.00 -14.29
CA GLY D 137 -12.60 -25.56 -14.01
C GLY D 137 -12.42 -24.99 -12.62
N ASN D 138 -13.29 -25.35 -11.69
CA ASN D 138 -13.19 -24.85 -10.32
C ASN D 138 -13.24 -23.32 -10.26
N SER D 139 -13.97 -22.73 -11.18
CA SER D 139 -14.12 -21.29 -11.26
C SER D 139 -15.03 -20.72 -10.18
N PHE D 140 -16.07 -21.46 -9.82
CA PHE D 140 -16.98 -20.94 -8.81
C PHE D 140 -16.31 -20.60 -7.49
N ALA D 141 -15.30 -21.37 -7.11
CA ALA D 141 -14.60 -21.16 -5.83
C ALA D 141 -13.80 -19.85 -5.76
N HIS D 142 -13.75 -19.11 -6.85
CA HIS D 142 -13.04 -17.84 -6.86
C HIS D 142 -13.84 -16.81 -6.11
N LEU D 143 -15.16 -16.98 -6.07
CA LEU D 143 -16.03 -16.03 -5.38
C LEU D 143 -15.85 -16.19 -3.89
N PRO D 144 -15.33 -15.14 -3.21
CA PRO D 144 -15.15 -15.24 -1.76
C PRO D 144 -16.44 -15.03 -0.97
N ASP D 145 -16.35 -15.18 0.35
CA ASP D 145 -17.50 -14.96 1.21
C ASP D 145 -17.11 -13.80 2.13
N SER D 146 -17.19 -12.60 1.58
CA SER D 146 -16.83 -11.37 2.27
C SER D 146 -17.65 -11.14 3.53
N LYS D 147 -18.97 -11.22 3.39
CA LYS D 147 -19.90 -11.01 4.50
C LYS D 147 -19.81 -12.10 5.59
N GLY D 148 -19.40 -13.30 5.20
CA GLY D 148 -19.27 -14.39 6.16
C GLY D 148 -20.47 -15.30 6.29
N ASP D 149 -21.56 -14.98 5.60
CA ASP D 149 -22.78 -15.79 5.68
C ASP D 149 -23.10 -16.55 4.38
N GLN D 150 -22.18 -16.51 3.43
CA GLN D 150 -22.36 -17.18 2.14
C GLN D 150 -23.51 -16.63 1.29
N SER D 151 -23.97 -15.43 1.60
CA SER D 151 -25.06 -14.83 0.83
C SER D 151 -24.68 -14.59 -0.64
N GLU D 152 -23.41 -14.26 -0.89
CA GLU D 152 -22.99 -14.02 -2.27
C GLU D 152 -23.06 -15.33 -3.04
N HIS D 153 -22.59 -16.41 -2.42
CA HIS D 153 -22.60 -17.72 -3.06
C HIS D 153 -24.03 -18.06 -3.47
N ARG D 154 -24.95 -17.94 -2.52
CA ARG D 154 -26.35 -18.25 -2.77
C ARG D 154 -26.90 -17.34 -3.87
N LEU D 155 -26.50 -16.08 -3.88
CA LEU D 155 -27.01 -15.20 -4.93
C LEU D 155 -26.46 -15.61 -6.30
N ALA D 156 -25.17 -15.92 -6.37
CA ALA D 156 -24.57 -16.32 -7.63
C ALA D 156 -25.18 -17.63 -8.17
N LEU D 157 -25.28 -18.65 -7.33
CA LEU D 157 -25.83 -19.94 -7.74
C LEU D 157 -27.27 -19.81 -8.21
N LYS D 158 -28.06 -19.01 -7.49
CA LYS D 158 -29.45 -18.81 -7.88
C LYS D 158 -29.55 -18.13 -9.24
N ASN D 159 -28.66 -17.20 -9.51
CA ASN D 159 -28.68 -16.51 -10.79
C ASN D 159 -28.23 -17.44 -11.89
N ILE D 160 -27.22 -18.25 -11.59
CA ILE D 160 -26.70 -19.20 -12.56
C ILE D 160 -27.78 -20.23 -12.87
N ALA D 161 -28.49 -20.71 -11.84
CA ALA D 161 -29.52 -21.71 -12.04
C ALA D 161 -30.72 -21.18 -12.81
N SER D 162 -31.00 -19.89 -12.67
CA SER D 162 -32.15 -19.31 -13.34
C SER D 162 -31.92 -19.20 -14.85
N MET D 163 -30.71 -19.53 -15.31
CA MET D 163 -30.39 -19.47 -16.75
C MET D 163 -30.74 -20.81 -17.40
N VAL D 164 -30.97 -21.82 -16.56
CA VAL D 164 -31.29 -23.16 -17.04
C VAL D 164 -32.77 -23.33 -17.33
N ARG D 165 -33.10 -23.64 -18.59
CA ARG D 165 -34.50 -23.83 -18.97
C ARG D 165 -35.08 -25.05 -18.26
N PRO D 166 -36.41 -25.11 -18.12
CA PRO D 166 -37.02 -26.27 -17.45
C PRO D 166 -36.57 -27.54 -18.17
N GLY D 167 -36.19 -28.56 -17.41
CA GLY D 167 -35.73 -29.79 -18.02
C GLY D 167 -34.30 -29.64 -18.51
N GLY D 168 -33.72 -28.47 -18.27
CA GLY D 168 -32.35 -28.21 -18.67
C GLY D 168 -31.28 -28.77 -17.73
N LEU D 169 -30.03 -28.55 -18.12
CA LEU D 169 -28.90 -29.05 -17.36
C LEU D 169 -27.94 -27.98 -16.83
N LEU D 170 -27.37 -28.23 -15.67
CA LEU D 170 -26.37 -27.34 -15.07
C LEU D 170 -25.20 -28.24 -14.66
N VAL D 171 -24.00 -27.89 -15.11
CA VAL D 171 -22.79 -28.65 -14.77
C VAL D 171 -21.85 -27.65 -14.11
N ILE D 172 -21.48 -27.94 -12.86
CA ILE D 172 -20.62 -27.03 -12.11
C ILE D 172 -19.75 -27.87 -11.19
N ASP D 173 -18.47 -27.52 -11.13
CA ASP D 173 -17.54 -28.31 -10.33
C ASP D 173 -16.74 -27.50 -9.33
N HIS D 174 -15.94 -28.21 -8.54
CA HIS D 174 -15.03 -27.59 -7.58
C HIS D 174 -14.00 -28.61 -7.15
N ARG D 175 -12.82 -28.13 -6.82
CA ARG D 175 -11.77 -29.03 -6.39
C ARG D 175 -12.25 -29.72 -5.11
N ASN D 176 -11.58 -30.82 -4.74
CA ASN D 176 -11.92 -31.54 -3.53
C ASN D 176 -11.32 -30.83 -2.31
N TYR D 177 -12.04 -29.83 -1.80
CA TYR D 177 -11.54 -29.10 -0.64
C TYR D 177 -11.62 -29.86 0.68
N ASP D 178 -12.41 -30.92 0.74
CA ASP D 178 -12.47 -31.69 1.98
C ASP D 178 -11.07 -32.27 2.20
N TYR D 179 -10.50 -32.82 1.12
CA TYR D 179 -9.15 -33.38 1.15
C TYR D 179 -8.12 -32.28 1.46
N ILE D 180 -8.20 -31.17 0.74
CA ILE D 180 -7.25 -30.07 0.97
C ILE D 180 -7.30 -29.59 2.42
N LEU D 181 -8.51 -29.40 2.96
CA LEU D 181 -8.67 -28.94 4.32
C LEU D 181 -8.19 -29.95 5.39
N SER D 182 -8.17 -31.23 5.06
CA SER D 182 -7.77 -32.24 6.02
C SER D 182 -6.28 -32.62 5.91
N THR D 183 -5.68 -32.37 4.76
CA THR D 183 -4.27 -32.68 4.57
C THR D 183 -3.45 -31.40 4.50
N GLY D 184 -4.16 -30.29 4.31
CA GLY D 184 -3.51 -28.99 4.22
C GLY D 184 -2.69 -28.78 2.97
N CYS D 185 -2.84 -29.67 1.99
CA CYS D 185 -2.08 -29.60 0.76
C CYS D 185 -2.89 -30.01 -0.46
N ALA D 186 -2.72 -29.30 -1.56
CA ALA D 186 -3.42 -29.64 -2.78
C ALA D 186 -2.79 -30.96 -3.25
N PRO D 187 -3.56 -31.81 -3.92
CA PRO D 187 -2.96 -33.07 -4.36
C PRO D 187 -1.82 -32.88 -5.37
N PRO D 188 -0.81 -33.76 -5.33
CA PRO D 188 0.34 -33.70 -6.23
C PRO D 188 -0.04 -33.68 -7.71
N GLY D 189 0.53 -32.73 -8.44
CA GLY D 189 0.28 -32.55 -9.85
C GLY D 189 -0.20 -33.75 -10.66
N LYS D 190 -1.38 -33.62 -11.23
CA LYS D 190 -2.01 -34.65 -12.05
C LYS D 190 -2.97 -33.94 -12.98
N ASN D 191 -3.92 -33.23 -12.36
CA ASN D 191 -4.97 -32.47 -13.03
C ASN D 191 -5.41 -33.07 -14.36
N ILE D 192 -6.50 -33.82 -14.32
CA ILE D 192 -7.01 -34.48 -15.50
C ILE D 192 -7.89 -33.62 -16.39
N TYR D 193 -7.87 -32.31 -16.16
CA TYR D 193 -8.66 -31.41 -17.00
C TYR D 193 -7.81 -31.00 -18.18
N TYR D 194 -6.55 -30.69 -17.90
CA TYR D 194 -5.65 -30.26 -18.95
C TYR D 194 -4.26 -30.91 -18.88
N LYS D 195 -3.53 -30.81 -19.98
CA LYS D 195 -2.18 -31.37 -20.04
C LYS D 195 -1.17 -30.28 -19.75
N SER D 196 -0.62 -30.30 -18.54
CA SER D 196 0.36 -29.31 -18.11
C SER D 196 1.78 -29.65 -18.53
N ASP D 197 2.22 -29.08 -19.65
CA ASP D 197 3.56 -29.30 -20.15
C ASP D 197 4.54 -28.36 -19.46
N LEU D 198 4.14 -27.84 -18.32
CA LEU D 198 4.97 -26.92 -17.56
C LEU D 198 4.95 -27.31 -16.09
N THR D 199 6.12 -27.65 -15.56
CA THR D 199 6.27 -28.06 -14.17
C THR D 199 5.80 -27.01 -13.16
N LYS D 200 5.20 -27.47 -12.07
CA LYS D 200 4.70 -26.58 -11.04
C LYS D 200 4.95 -27.12 -9.63
N ASP D 201 4.92 -26.20 -8.67
CA ASP D 201 5.10 -26.52 -7.27
C ASP D 201 4.10 -25.65 -6.52
N ILE D 202 3.08 -26.30 -5.95
CA ILE D 202 2.04 -25.58 -5.21
C ILE D 202 2.21 -25.51 -3.70
N THR D 203 2.23 -24.29 -3.16
CA THR D 203 2.30 -24.10 -1.72
C THR D 203 0.84 -23.79 -1.36
N THR D 204 0.33 -24.47 -0.34
CA THR D 204 -1.06 -24.30 0.09
C THR D 204 -1.22 -23.66 1.45
N SER D 205 -1.97 -22.56 1.50
CA SER D 205 -2.22 -21.87 2.75
C SER D 205 -3.72 -21.95 3.11
N VAL D 206 -4.02 -22.43 4.30
CA VAL D 206 -5.41 -22.52 4.73
C VAL D 206 -5.66 -21.59 5.89
N LEU D 207 -6.63 -20.69 5.72
CA LEU D 207 -7.01 -19.76 6.76
C LEU D 207 -8.33 -20.19 7.38
N THR D 208 -8.31 -20.42 8.69
CA THR D 208 -9.49 -20.80 9.43
C THR D 208 -9.78 -19.64 10.39
N VAL D 209 -11.05 -19.29 10.51
CA VAL D 209 -11.46 -18.19 11.40
C VAL D 209 -12.48 -18.79 12.36
N ASN D 210 -12.14 -18.78 13.66
CA ASN D 210 -13.00 -19.36 14.68
C ASN D 210 -13.31 -20.83 14.37
N ASN D 211 -12.32 -21.48 13.76
CA ASN D 211 -12.37 -22.90 13.39
C ASN D 211 -13.17 -23.22 12.11
N LYS D 212 -13.69 -22.20 11.44
CA LYS D 212 -14.40 -22.42 10.20
C LYS D 212 -13.45 -22.07 9.06
N ALA D 213 -13.23 -22.99 8.13
CA ALA D 213 -12.33 -22.71 7.02
C ALA D 213 -12.93 -21.53 6.28
N HIS D 214 -12.10 -20.54 5.97
CA HIS D 214 -12.59 -19.37 5.29
C HIS D 214 -11.94 -19.11 3.94
N MET D 215 -10.72 -19.58 3.76
CA MET D 215 -10.00 -19.34 2.52
C MET D 215 -8.82 -20.27 2.34
N VAL D 216 -8.51 -20.55 1.08
CA VAL D 216 -7.39 -21.39 0.72
C VAL D 216 -6.64 -20.56 -0.30
N THR D 217 -5.37 -20.34 -0.04
CA THR D 217 -4.55 -19.56 -0.94
C THR D 217 -3.53 -20.49 -1.58
N LEU D 218 -3.43 -20.41 -2.91
CA LEU D 218 -2.48 -21.24 -3.62
C LEU D 218 -1.40 -20.41 -4.28
N ASP D 219 -0.14 -20.71 -3.97
CA ASP D 219 0.99 -20.04 -4.60
C ASP D 219 1.49 -21.02 -5.63
N TYR D 220 1.42 -20.66 -6.91
CA TYR D 220 1.89 -21.53 -7.99
C TYR D 220 3.28 -21.10 -8.38
N THR D 221 4.25 -22.00 -8.27
CA THR D 221 5.62 -21.68 -8.64
C THR D 221 5.87 -22.35 -9.97
N VAL D 222 5.89 -21.55 -11.03
CA VAL D 222 6.09 -22.04 -12.37
C VAL D 222 7.54 -21.95 -12.82
N GLN D 223 7.97 -22.99 -13.54
CA GLN D 223 9.33 -23.04 -14.06
C GLN D 223 9.36 -22.29 -15.38
N VAL D 224 9.72 -21.00 -15.32
CA VAL D 224 9.79 -20.18 -16.51
C VAL D 224 10.67 -20.85 -17.55
N PRO D 225 10.18 -20.92 -18.79
CA PRO D 225 10.92 -21.55 -19.87
C PRO D 225 12.27 -20.87 -20.09
N GLY D 226 13.34 -21.53 -19.65
CA GLY D 226 14.67 -21.00 -19.80
C GLY D 226 14.86 -19.63 -19.17
N ALA D 227 15.50 -19.61 -18.01
CA ALA D 227 15.76 -18.36 -17.30
C ALA D 227 16.51 -18.63 -16.01
N PRO D 233 15.94 -22.79 -16.36
CA PRO D 233 15.49 -23.40 -15.07
C PRO D 233 15.13 -22.33 -14.05
N GLY D 234 14.49 -21.25 -14.50
CA GLY D 234 14.10 -20.18 -13.60
C GLY D 234 12.77 -20.44 -12.92
N PHE D 235 12.58 -19.87 -11.73
CA PHE D 235 11.35 -20.07 -10.99
C PHE D 235 10.72 -18.79 -10.44
N SER D 236 9.47 -18.53 -10.85
CA SER D 236 8.71 -17.38 -10.38
C SER D 236 7.34 -17.92 -9.97
N LYS D 237 6.50 -17.09 -9.37
CA LYS D 237 5.19 -17.59 -8.95
C LYS D 237 4.10 -16.54 -8.84
N PHE D 238 2.86 -17.00 -8.88
CA PHE D 238 1.73 -16.10 -8.74
C PHE D 238 0.79 -16.71 -7.69
N ARG D 239 -0.07 -15.88 -7.12
CA ARG D 239 -0.96 -16.31 -6.06
C ARG D 239 -2.45 -16.08 -6.39
N LEU D 240 -3.28 -17.03 -5.95
CA LEU D 240 -4.73 -16.98 -6.16
C LEU D 240 -5.44 -17.63 -4.98
N SER D 241 -6.61 -17.12 -4.62
CA SER D 241 -7.36 -17.64 -3.48
C SER D 241 -8.73 -18.20 -3.84
N TYR D 242 -9.22 -19.10 -3.00
CA TYR D 242 -10.47 -19.77 -3.27
C TYR D 242 -11.27 -19.98 -2.01
N TYR D 243 -12.58 -20.14 -2.17
CA TYR D 243 -13.42 -20.42 -1.02
C TYR D 243 -13.46 -21.95 -0.99
N PRO D 244 -12.99 -22.54 0.12
CA PRO D 244 -12.94 -24.00 0.29
C PRO D 244 -14.28 -24.70 0.47
N HIS D 245 -14.99 -24.88 -0.64
CA HIS D 245 -16.29 -25.54 -0.63
C HIS D 245 -16.18 -27.04 -0.36
N CYS D 246 -16.84 -27.50 0.68
CA CYS D 246 -16.86 -28.92 1.01
C CYS D 246 -18.05 -29.56 0.32
N LEU D 247 -17.88 -30.81 -0.09
CA LEU D 247 -18.91 -31.55 -0.78
C LEU D 247 -20.35 -31.45 -0.24
N ALA D 248 -20.55 -31.80 1.02
CA ALA D 248 -21.87 -31.76 1.62
C ALA D 248 -22.48 -30.36 1.55
N SER D 249 -21.68 -29.37 1.91
CA SER D 249 -22.16 -27.99 1.87
C SER D 249 -22.57 -27.57 0.46
N PHE D 250 -21.68 -27.79 -0.49
CA PHE D 250 -21.95 -27.41 -1.86
C PHE D 250 -23.18 -28.12 -2.41
N THR D 251 -23.28 -29.41 -2.13
CA THR D 251 -24.42 -30.20 -2.60
C THR D 251 -25.72 -29.53 -2.13
N GLU D 252 -25.77 -29.17 -0.86
CA GLU D 252 -26.96 -28.51 -0.32
C GLU D 252 -27.20 -27.17 -1.02
N LEU D 253 -26.11 -26.40 -1.18
CA LEU D 253 -26.14 -25.08 -1.79
C LEU D 253 -26.65 -25.04 -3.25
N VAL D 254 -26.18 -25.97 -4.07
CA VAL D 254 -26.58 -25.96 -5.47
C VAL D 254 -28.03 -26.45 -5.66
N GLN D 255 -28.49 -27.38 -4.82
CA GLN D 255 -29.87 -27.85 -4.95
C GLN D 255 -30.83 -26.76 -4.51
N GLU D 256 -30.49 -26.03 -3.44
CA GLU D 256 -31.37 -24.97 -2.96
C GLU D 256 -31.43 -23.84 -3.99
N ALA D 257 -30.45 -23.78 -4.88
CA ALA D 257 -30.44 -22.74 -5.91
C ALA D 257 -31.55 -23.05 -6.91
N PHE D 258 -32.05 -24.28 -6.84
CA PHE D 258 -33.14 -24.74 -7.71
C PHE D 258 -34.41 -24.87 -6.89
N GLY D 259 -34.32 -24.50 -5.61
CA GLY D 259 -35.46 -24.61 -4.73
C GLY D 259 -35.81 -26.08 -4.55
N GLY D 260 -34.83 -26.95 -4.75
CA GLY D 260 -35.06 -28.37 -4.63
C GLY D 260 -35.73 -28.99 -5.86
N ARG D 261 -36.16 -28.15 -6.80
CA ARG D 261 -36.84 -28.63 -8.01
C ARG D 261 -35.83 -29.14 -9.03
N CYS D 262 -35.15 -30.23 -8.72
CA CYS D 262 -34.15 -30.74 -9.63
C CYS D 262 -33.69 -32.14 -9.27
N GLN D 263 -32.97 -32.77 -10.19
CA GLN D 263 -32.38 -34.09 -9.99
C GLN D 263 -30.88 -33.81 -9.89
N HIS D 264 -30.26 -34.31 -8.83
CA HIS D 264 -28.85 -34.07 -8.58
C HIS D 264 -27.96 -35.29 -8.53
N SER D 265 -26.78 -35.19 -9.11
CA SER D 265 -25.82 -36.27 -9.06
C SER D 265 -24.43 -35.65 -9.04
N VAL D 266 -23.47 -36.37 -8.48
CA VAL D 266 -22.12 -35.86 -8.43
C VAL D 266 -21.10 -36.86 -8.95
N LEU D 267 -20.18 -36.36 -9.78
CA LEU D 267 -19.12 -37.18 -10.34
C LEU D 267 -17.82 -36.87 -9.62
N GLY D 268 -16.92 -37.84 -9.62
CA GLY D 268 -15.61 -37.68 -9.02
C GLY D 268 -14.64 -37.92 -10.17
N ASP D 269 -14.04 -36.86 -10.67
CA ASP D 269 -13.12 -36.96 -11.80
C ASP D 269 -13.74 -37.69 -13.01
N PHE D 270 -14.95 -37.26 -13.37
CA PHE D 270 -15.70 -37.79 -14.51
C PHE D 270 -16.37 -39.14 -14.30
N LYS D 271 -16.19 -39.73 -13.11
CA LYS D 271 -16.79 -41.03 -12.83
C LYS D 271 -17.80 -40.87 -11.71
N PRO D 272 -18.83 -41.72 -11.70
CA PRO D 272 -19.83 -41.60 -10.62
C PRO D 272 -19.15 -41.65 -9.27
N TYR D 273 -19.69 -40.87 -8.33
CA TYR D 273 -19.13 -40.80 -6.98
C TYR D 273 -20.04 -41.44 -5.95
N ARG D 274 -19.45 -42.34 -5.17
CA ARG D 274 -20.16 -43.04 -4.11
C ARG D 274 -19.50 -42.63 -2.80
N PRO D 275 -20.25 -42.02 -1.88
CA PRO D 275 -19.66 -41.60 -0.60
C PRO D 275 -19.00 -42.81 0.06
N GLY D 276 -17.77 -42.64 0.52
CA GLY D 276 -17.06 -43.73 1.17
C GLY D 276 -16.21 -44.59 0.24
N GLN D 277 -16.20 -44.28 -1.06
CA GLN D 277 -15.40 -45.05 -1.99
C GLN D 277 -13.92 -44.83 -1.68
N ALA D 278 -13.08 -45.74 -2.14
CA ALA D 278 -11.65 -45.66 -1.87
C ALA D 278 -10.97 -44.55 -2.66
N TYR D 279 -11.33 -44.44 -3.94
CA TYR D 279 -10.74 -43.41 -4.79
C TYR D 279 -11.13 -42.00 -4.34
N VAL D 280 -10.12 -41.19 -4.04
CA VAL D 280 -10.34 -39.81 -3.60
C VAL D 280 -10.12 -38.92 -4.82
N PRO D 281 -11.22 -38.33 -5.33
CA PRO D 281 -11.23 -37.45 -6.51
C PRO D 281 -10.53 -36.11 -6.30
N CYS D 282 -9.92 -35.58 -7.35
CA CYS D 282 -9.30 -34.26 -7.25
C CYS D 282 -10.43 -33.23 -7.46
N TYR D 283 -11.42 -33.59 -8.27
CA TYR D 283 -12.55 -32.71 -8.54
C TYR D 283 -13.90 -33.37 -8.39
N PHE D 284 -14.88 -32.56 -8.02
CA PHE D 284 -16.25 -33.02 -7.87
C PHE D 284 -17.07 -32.25 -8.89
N ILE D 285 -17.79 -32.97 -9.74
CA ILE D 285 -18.63 -32.32 -10.73
C ILE D 285 -20.07 -32.61 -10.40
N HIS D 286 -20.82 -31.55 -10.19
CA HIS D 286 -22.23 -31.64 -9.89
C HIS D 286 -23.00 -31.48 -11.17
N VAL D 287 -23.94 -32.38 -11.40
CA VAL D 287 -24.72 -32.33 -12.61
C VAL D 287 -26.18 -32.33 -12.19
N LEU D 288 -26.89 -31.25 -12.53
CA LEU D 288 -28.29 -31.12 -12.16
C LEU D 288 -29.22 -30.98 -13.34
N LYS D 289 -30.29 -31.76 -13.29
CA LYS D 289 -31.32 -31.76 -14.32
C LYS D 289 -32.47 -30.98 -13.69
N LYS D 290 -32.76 -29.80 -14.22
CA LYS D 290 -33.83 -28.98 -13.70
C LYS D 290 -35.20 -29.62 -14.01
N THR D 291 -36.08 -29.64 -13.02
CA THR D 291 -37.40 -30.22 -13.19
C THR D 291 -38.19 -29.43 -14.24
N GLY D 292 -38.52 -28.20 -13.87
CA GLY D 292 -39.27 -27.31 -14.73
C GLY D 292 -39.77 -26.10 -13.96
#